data_3CPH
#
_entry.id   3CPH
#
_cell.length_a   131.900
_cell.length_b   131.900
_cell.length_c   217.562
_cell.angle_alpha   90.00
_cell.angle_beta   90.00
_cell.angle_gamma   120.00
#
_symmetry.space_group_name_H-M   'P 32 2 1'
#
loop_
_entity.id
_entity.type
_entity.pdbx_description
1 polymer 'Rab GDP-dissociation inhibitor'
2 polymer 'Ras-related protein SEC4'
3 non-polymer 'MAGNESIUM ION'
4 non-polymer "GUANOSINE-5'-DIPHOSPHATE"
5 water water
#
loop_
_entity_poly.entity_id
_entity_poly.type
_entity_poly.pdbx_seq_one_letter_code
_entity_poly.pdbx_strand_id
1 'polypeptide(L)'
;MDQETIDTDYDVIVLGTGITECILSGLLSVDGKKVLHIDKQDHYGGEAASVTLSQLYEKFKQNPISKEERESKFGKDRDW
NVDLIPKFLMANGELTNILIHTDVTRYVDFKQVSGSYVFKQGKIYKVPANEIEAISSPLMGIFEKRRMKKFLEWISSYKE
DDLSTHQGLDLDKNTMDEVYYKFGLGNSTKEFIGHAMALWTNDDYLQQPARPSFERILLYCQSVARYGKSPYLYPMYGLG
ELPQGFARLSAIYGGTYMLDTPIDEVLYKKDTGKFEGVKTKLGTFKAPLVIADPTYFPEKCKSTGQRVIRAICILNHPVP
NTSNADSLQIIIPQSQLGRKSDIYVAIVSDAHNVCSKGHYLAIISTIIETDKPHIELEPAFKLLGPIEEKFMGIAELFEP
REDGSKDNIYLSRSYDASSHFESMTDDVKDIYFRVTGHPLVLKQRQEQEKQ
;
G,H
2 'polypeptide(L)'
;MSGLRTVSASSGNGKSYDSIMKILLIGDSGVGKSCLLVRFVEDKFNPSFITTIGIDFKIKTVDINGKKVKLQLWDTAGQE
RFRTITTAYYRGAMGIILVYDVTDERTFTNIKQWFKTVNEHANDEAQLLLVGNKSDMETRVVTADQGEALAKELGIPFIE
SSAKNDDNVNEIFFTLAKLIQEKIDSNKLVGVGNGKEGNISINSGSGNSSKSN
;
A
#
# COMPACT_ATOMS: atom_id res chain seq x y z
N THR A 5 53.83 7.03 14.45
CA THR A 5 52.93 6.39 15.48
C THR A 5 51.76 7.33 15.92
N ILE A 6 50.90 6.85 16.82
CA ILE A 6 49.52 7.35 16.98
C ILE A 6 49.23 8.15 18.28
N ASP A 7 48.51 9.27 18.13
CA ASP A 7 47.93 10.00 19.29
C ASP A 7 47.22 8.98 20.19
N THR A 8 47.33 9.14 21.51
CA THR A 8 46.60 8.26 22.44
C THR A 8 45.46 8.96 23.18
N ASP A 9 45.35 10.29 23.02
CA ASP A 9 44.34 11.08 23.72
C ASP A 9 43.27 11.57 22.77
N TYR A 10 42.02 11.24 23.07
CA TYR A 10 40.91 11.64 22.25
C TYR A 10 39.82 12.29 23.11
N ASP A 11 38.99 13.14 22.49
CA ASP A 11 37.83 13.73 23.16
C ASP A 11 36.72 12.71 23.38
N VAL A 12 36.66 11.68 22.53
CA VAL A 12 35.61 10.65 22.62
C VAL A 12 36.08 9.35 21.99
N ILE A 13 35.87 8.24 22.67
CA ILE A 13 36.12 6.94 22.05
C ILE A 13 34.76 6.31 21.77
N VAL A 14 34.60 5.78 20.57
CA VAL A 14 33.34 5.16 20.17
C VAL A 14 33.63 3.70 19.82
N LEU A 15 32.86 2.80 20.42
CA LEU A 15 33.08 1.37 20.23
C LEU A 15 31.97 0.75 19.38
N GLY A 16 32.35 0.06 18.30
CA GLY A 16 31.41 -0.64 17.43
C GLY A 16 30.83 0.26 16.37
N THR A 17 30.83 -0.20 15.12
CA THR A 17 30.43 0.63 13.98
C THR A 17 29.03 0.30 13.46
N GLY A 18 28.08 0.17 14.38
CA GLY A 18 26.67 0.14 14.05
C GLY A 18 26.17 1.53 13.68
N ILE A 19 25.00 1.58 13.06
CA ILE A 19 24.47 2.83 12.53
C ILE A 19 24.36 3.90 13.63
N THR A 20 23.96 3.51 14.84
CA THR A 20 23.77 4.46 15.93
C THR A 20 25.10 5.11 16.27
N GLU A 21 26.12 4.29 16.42
CA GLU A 21 27.44 4.79 16.78
C GLU A 21 28.03 5.63 15.66
N CYS A 22 27.89 5.15 14.43
CA CYS A 22 28.45 5.88 13.31
C CYS A 22 27.79 7.26 13.17
N ILE A 23 26.47 7.36 13.35
CA ILE A 23 25.82 8.67 13.27
C ILE A 23 26.34 9.58 14.37
N LEU A 24 26.49 9.04 15.57
CA LEU A 24 27.06 9.82 16.69
C LEU A 24 28.49 10.29 16.38
N SER A 25 29.36 9.34 16.01
CA SER A 25 30.73 9.64 15.58
C SER A 25 30.81 10.78 14.55
N GLY A 26 29.97 10.71 13.52
CA GLY A 26 29.98 11.73 12.48
C GLY A 26 29.64 13.08 13.07
N LEU A 27 28.54 13.14 13.79
CA LEU A 27 28.04 14.40 14.33
C LEU A 27 29.04 15.01 15.33
N LEU A 28 29.68 14.17 16.12
CA LEU A 28 30.66 14.64 17.09
C LEU A 28 31.88 15.24 16.38
N SER A 29 32.39 14.54 15.36
CA SER A 29 33.49 15.03 14.54
C SER A 29 33.13 16.36 13.87
N VAL A 30 31.93 16.47 13.32
CA VAL A 30 31.46 17.72 12.73
C VAL A 30 31.47 18.85 13.76
N ASP A 31 31.10 18.51 15.00
CA ASP A 31 31.09 19.46 16.11
C ASP A 31 32.49 19.97 16.49
N GLY A 32 33.54 19.26 16.09
CA GLY A 32 34.91 19.67 16.38
C GLY A 32 35.62 18.73 17.33
N LYS A 33 34.93 17.71 17.82
CA LYS A 33 35.56 16.77 18.75
C LYS A 33 36.46 15.84 17.97
N LYS A 34 37.28 15.11 18.68
CA LYS A 34 38.30 14.27 18.11
C LYS A 34 37.94 12.83 18.40
N VAL A 35 37.26 12.17 17.47
CA VAL A 35 36.76 10.81 17.73
C VAL A 35 37.75 9.73 17.35
N LEU A 36 37.77 8.65 18.13
CA LEU A 36 38.42 7.39 17.75
C LEU A 36 37.33 6.31 17.73
N HIS A 37 37.22 5.59 16.63
CA HIS A 37 36.11 4.67 16.42
C HIS A 37 36.67 3.28 16.11
N ILE A 38 36.44 2.35 17.02
CA ILE A 38 37.05 1.03 17.00
C ILE A 38 35.97 -0.02 16.85
N ASP A 39 36.30 -1.13 16.20
CA ASP A 39 35.37 -2.23 16.05
C ASP A 39 36.13 -3.55 16.12
N LYS A 40 35.65 -4.45 16.98
CA LYS A 40 36.27 -5.77 17.15
C LYS A 40 36.15 -6.62 15.87
N GLN A 41 35.08 -6.40 15.12
CA GLN A 41 34.79 -7.16 13.90
C GLN A 41 35.55 -6.56 12.72
N ASP A 42 35.72 -7.36 11.66
CA ASP A 42 36.54 -6.96 10.51
C ASP A 42 35.76 -6.17 9.44
N HIS A 43 34.66 -5.54 9.84
CA HIS A 43 33.77 -4.86 8.89
C HIS A 43 32.80 -3.90 9.57
N TYR A 44 32.32 -2.93 8.79
CA TYR A 44 31.37 -1.95 9.29
C TYR A 44 29.99 -2.59 9.52
N GLY A 45 29.20 -2.01 10.41
CA GLY A 45 27.77 -2.31 10.49
C GLY A 45 27.23 -2.83 11.82
N GLY A 46 28.08 -3.46 12.61
CA GLY A 46 27.65 -4.08 13.85
C GLY A 46 26.56 -5.13 13.66
N GLU A 47 25.57 -5.11 14.54
CA GLU A 47 24.45 -6.03 14.47
C GLU A 47 23.59 -5.79 13.22
N ALA A 48 23.54 -4.55 12.73
CA ALA A 48 22.74 -4.22 11.56
C ALA A 48 23.58 -4.20 10.26
N ALA A 49 24.72 -4.86 10.30
CA ALA A 49 25.57 -5.01 9.13
C ALA A 49 24.85 -5.80 8.02
N SER A 50 25.17 -5.46 6.77
CA SER A 50 24.84 -6.30 5.63
C SER A 50 26.05 -7.21 5.38
N VAL A 51 25.83 -8.52 5.22
CA VAL A 51 26.95 -9.46 5.09
C VAL A 51 26.85 -10.26 3.80
N THR A 52 27.97 -10.82 3.34
CA THR A 52 27.96 -11.68 2.16
C THR A 52 27.25 -13.02 2.44
N LEU A 53 27.04 -13.81 1.39
CA LEU A 53 26.22 -15.03 1.51
C LEU A 53 26.95 -16.12 2.30
N SER A 54 28.21 -16.36 1.94
CA SER A 54 29.05 -17.30 2.66
C SER A 54 29.07 -16.99 4.16
N GLN A 55 29.19 -15.70 4.51
CA GLN A 55 29.12 -15.26 5.90
C GLN A 55 27.75 -15.55 6.52
N LEU A 56 26.71 -15.49 5.69
CA LEU A 56 25.35 -15.81 6.13
C LEU A 56 25.26 -17.28 6.54
N TYR A 57 25.86 -18.17 5.73
CA TYR A 57 26.01 -19.60 6.06
C TYR A 57 26.86 -19.86 7.32
N GLU A 58 27.97 -19.14 7.43
CA GLU A 58 28.87 -19.28 8.57
C GLU A 58 28.18 -18.86 9.87
N LYS A 59 27.24 -17.92 9.77
CA LYS A 59 26.63 -17.33 10.97
C LYS A 59 25.45 -18.15 11.46
N PHE A 60 24.64 -18.66 10.53
CA PHE A 60 23.34 -19.23 10.88
C PHE A 60 23.13 -20.72 10.56
N LYS A 61 24.06 -21.35 9.82
CA LYS A 61 23.92 -22.77 9.47
C LYS A 61 24.92 -23.66 10.22
N GLN A 62 24.50 -24.90 10.46
CA GLN A 62 25.28 -25.86 11.22
C GLN A 62 26.32 -26.56 10.36
N ASN A 63 25.92 -26.92 9.14
CA ASN A 63 26.84 -27.55 8.18
C ASN A 63 26.91 -26.74 6.90
N PRO A 64 27.81 -25.74 6.87
CA PRO A 64 27.90 -24.92 5.67
C PRO A 64 28.28 -25.72 4.42
N ILE A 65 27.68 -25.35 3.30
CA ILE A 65 27.97 -26.01 2.03
C ILE A 65 29.31 -25.55 1.49
N SER A 66 29.81 -26.30 0.51
CA SER A 66 31.07 -25.97 -0.13
C SER A 66 30.94 -24.65 -0.88
N LYS A 67 32.07 -23.98 -1.08
CA LYS A 67 32.11 -22.82 -1.98
C LYS A 67 31.47 -23.22 -3.33
N GLU A 68 31.89 -24.36 -3.86
CA GLU A 68 31.49 -24.82 -5.20
C GLU A 68 29.98 -25.00 -5.34
N GLU A 69 29.35 -25.59 -4.31
CA GLU A 69 27.89 -25.81 -4.32
C GLU A 69 27.13 -24.49 -4.23
N ARG A 70 27.55 -23.65 -3.29
CA ARG A 70 26.96 -22.33 -3.09
C ARG A 70 26.97 -21.49 -4.35
N GLU A 71 28.09 -21.54 -5.08
CA GLU A 71 28.29 -20.64 -6.22
C GLU A 71 27.51 -21.04 -7.47
N SER A 72 27.28 -22.33 -7.68
CA SER A 72 26.44 -22.78 -8.80
C SER A 72 24.96 -22.45 -8.55
N LYS A 73 24.57 -22.50 -7.28
CA LYS A 73 23.18 -22.31 -6.86
C LYS A 73 22.82 -20.83 -6.71
N PHE A 74 23.78 -20.02 -6.25
CA PHE A 74 23.53 -18.63 -5.87
C PHE A 74 24.48 -17.56 -6.43
N GLY A 75 25.67 -17.96 -6.85
CA GLY A 75 26.63 -17.02 -7.44
C GLY A 75 27.69 -16.51 -6.47
N LYS A 76 28.47 -15.55 -6.93
CA LYS A 76 29.65 -15.10 -6.20
C LYS A 76 29.33 -14.08 -5.11
N ASP A 77 29.95 -14.22 -3.93
CA ASP A 77 29.74 -13.34 -2.77
C ASP A 77 29.68 -11.83 -3.00
N ARG A 78 30.40 -11.33 -4.00
CA ARG A 78 30.39 -9.89 -4.26
C ARG A 78 29.04 -9.33 -4.74
N ASP A 79 28.09 -10.19 -5.10
CA ASP A 79 26.77 -9.72 -5.47
C ASP A 79 25.83 -9.69 -4.27
N TRP A 80 26.24 -10.31 -3.17
CA TRP A 80 25.38 -10.45 -1.99
C TRP A 80 25.73 -9.49 -0.87
N ASN A 81 24.73 -8.73 -0.41
CA ASN A 81 24.86 -7.83 0.71
C ASN A 81 23.56 -7.94 1.50
N VAL A 82 23.52 -8.89 2.43
CA VAL A 82 22.27 -9.29 3.07
C VAL A 82 22.11 -8.74 4.49
N ASP A 83 21.12 -7.85 4.66
CA ASP A 83 20.81 -7.27 5.96
C ASP A 83 20.62 -8.32 7.04
N LEU A 84 21.20 -8.09 8.20
CA LEU A 84 20.99 -8.95 9.36
C LEU A 84 19.74 -8.55 10.12
N ILE A 85 19.36 -7.28 9.98
CA ILE A 85 18.19 -6.73 10.67
C ILE A 85 17.40 -5.90 9.66
N PRO A 86 16.15 -6.29 9.40
CA PRO A 86 15.38 -5.66 8.32
C PRO A 86 14.89 -4.28 8.70
N LYS A 87 15.26 -3.28 7.92
CA LYS A 87 14.77 -1.92 8.13
C LYS A 87 14.56 -1.22 6.81
N PHE A 88 13.65 -0.24 6.81
CA PHE A 88 13.42 0.67 5.71
C PHE A 88 13.59 2.10 6.22
N LEU A 89 13.59 3.08 5.31
CA LEU A 89 13.72 4.48 5.69
C LEU A 89 12.46 5.22 5.37
N MET A 90 11.80 5.75 6.38
CA MET A 90 10.67 6.64 6.16
C MET A 90 11.15 7.81 5.30
N ALA A 91 10.42 8.07 4.22
CA ALA A 91 10.82 9.09 3.25
C ALA A 91 11.02 10.44 3.91
N ASN A 92 10.10 10.83 4.80
CA ASN A 92 10.20 12.10 5.53
C ASN A 92 10.63 11.85 6.98
N GLY A 93 11.26 10.71 7.21
CA GLY A 93 11.71 10.32 8.52
C GLY A 93 12.88 11.16 8.97
N GLU A 94 13.35 10.87 10.18
CA GLU A 94 14.40 11.66 10.80
C GLU A 94 15.78 11.20 10.32
N LEU A 95 15.95 9.91 10.10
CA LEU A 95 17.24 9.42 9.56
C LEU A 95 17.57 10.05 8.21
N THR A 96 16.55 10.30 7.39
CA THR A 96 16.78 10.87 6.08
C THR A 96 17.01 12.37 6.21
N ASN A 97 16.35 12.98 7.18
CA ASN A 97 16.56 14.39 7.45
C ASN A 97 18.01 14.61 7.93
N ILE A 98 18.56 13.67 8.70
CA ILE A 98 19.97 13.70 9.07
C ILE A 98 20.86 13.49 7.85
N LEU A 99 20.54 12.48 7.04
CA LEU A 99 21.29 12.21 5.80
C LEU A 99 21.44 13.47 4.94
N ILE A 100 20.34 14.20 4.75
CA ILE A 100 20.36 15.42 3.95
C ILE A 100 21.21 16.52 4.57
N HIS A 101 21.01 16.78 5.87
CA HIS A 101 21.70 17.89 6.53
C HIS A 101 23.20 17.64 6.68
N THR A 102 23.58 16.37 6.77
CA THR A 102 24.98 15.99 6.88
C THR A 102 25.64 15.65 5.54
N ASP A 103 24.87 15.80 4.45
CA ASP A 103 25.30 15.47 3.07
C ASP A 103 25.81 14.02 2.86
N VAL A 104 25.46 13.10 3.76
CA VAL A 104 25.84 11.71 3.60
C VAL A 104 25.06 11.03 2.45
N THR A 105 24.01 11.70 1.96
CA THR A 105 23.38 11.36 0.67
C THR A 105 24.34 11.18 -0.49
N ARG A 106 25.53 11.75 -0.38
CA ARG A 106 26.60 11.56 -1.37
C ARG A 106 27.22 10.16 -1.36
N TYR A 107 27.13 9.44 -0.26
CA TYR A 107 27.81 8.14 -0.12
C TYR A 107 26.82 6.98 -0.19
N VAL A 108 25.55 7.29 -0.48
CA VAL A 108 24.48 6.30 -0.46
C VAL A 108 23.42 6.65 -1.52
N ASP A 109 23.02 5.65 -2.29
CA ASP A 109 21.95 5.82 -3.28
C ASP A 109 20.69 5.08 -2.86
N PHE A 110 19.53 5.69 -3.12
CA PHE A 110 18.25 5.10 -2.70
C PHE A 110 17.28 4.85 -3.85
N LYS A 111 16.59 3.72 -3.77
CA LYS A 111 15.41 3.46 -4.59
C LYS A 111 14.19 3.54 -3.67
N GLN A 112 13.03 3.90 -4.23
CA GLN A 112 11.76 3.81 -3.52
C GLN A 112 11.38 2.33 -3.34
N VAL A 113 10.68 2.00 -2.26
CA VAL A 113 10.15 0.66 -2.08
C VAL A 113 8.86 0.60 -2.87
N SER A 114 8.63 -0.50 -3.59
CA SER A 114 7.53 -0.54 -4.57
C SER A 114 6.16 -0.37 -3.95
N GLY A 115 5.90 -1.05 -2.84
CA GLY A 115 4.66 -0.82 -2.12
C GLY A 115 4.60 -1.47 -0.77
N SER A 116 3.46 -1.29 -0.11
CA SER A 116 3.16 -1.85 1.19
C SER A 116 1.88 -2.71 1.07
N TYR A 117 1.97 -3.99 1.43
CA TYR A 117 0.81 -4.89 1.41
C TYR A 117 0.40 -5.29 2.83
N VAL A 118 -0.91 -5.40 3.06
CA VAL A 118 -1.44 -5.75 4.38
C VAL A 118 -2.19 -7.09 4.30
N PHE A 119 -2.15 -7.85 5.38
CA PHE A 119 -2.64 -9.25 5.43
C PHE A 119 -4.05 -9.34 6.03
N LYS A 120 -4.89 -10.20 5.44
CA LYS A 120 -6.31 -10.34 5.84
C LYS A 120 -6.80 -11.74 5.45
N GLN A 121 -7.35 -12.47 6.41
CA GLN A 121 -7.96 -13.76 6.13
C GLN A 121 -7.07 -14.68 5.30
N GLY A 122 -5.76 -14.50 5.35
CA GLY A 122 -4.85 -15.33 4.55
C GLY A 122 -4.47 -14.82 3.16
N LYS A 123 -4.82 -13.57 2.85
CA LYS A 123 -4.52 -12.97 1.53
C LYS A 123 -3.94 -11.57 1.71
N ILE A 124 -2.92 -11.23 0.93
CA ILE A 124 -2.31 -9.89 1.04
C ILE A 124 -2.93 -8.91 0.05
N TYR A 125 -3.21 -7.70 0.53
CA TYR A 125 -3.85 -6.65 -0.26
C TYR A 125 -2.92 -5.44 -0.28
N LYS A 126 -2.81 -4.80 -1.43
CA LYS A 126 -1.92 -3.65 -1.58
C LYS A 126 -2.51 -2.43 -0.88
N VAL A 127 -1.69 -1.73 -0.11
CA VAL A 127 -2.09 -0.46 0.47
C VAL A 127 -2.17 0.53 -0.70
N PRO A 128 -3.32 1.17 -0.91
CA PRO A 128 -3.48 2.17 -1.98
C PRO A 128 -2.41 3.26 -1.96
N ALA A 129 -1.83 3.55 -3.13
CA ALA A 129 -0.76 4.55 -3.28
C ALA A 129 -1.26 5.89 -3.88
N ASN A 130 -2.35 5.84 -4.64
CA ASN A 130 -2.92 7.01 -5.30
C ASN A 130 -4.44 6.85 -5.36
N GLU A 131 -5.13 7.76 -6.05
CA GLU A 131 -6.60 7.71 -6.10
C GLU A 131 -7.12 6.49 -6.87
N ILE A 132 -6.45 6.12 -7.96
CA ILE A 132 -6.91 5.01 -8.80
C ILE A 132 -6.90 3.69 -8.03
N GLU A 133 -5.86 3.48 -7.22
CA GLU A 133 -5.74 2.28 -6.40
C GLU A 133 -6.70 2.31 -5.22
N ALA A 134 -6.88 3.50 -4.64
CA ALA A 134 -7.88 3.71 -3.60
C ALA A 134 -9.24 3.23 -4.08
N ILE A 135 -9.69 3.81 -5.20
CA ILE A 135 -11.00 3.49 -5.78
C ILE A 135 -11.20 2.00 -6.06
N SER A 136 -10.16 1.31 -6.52
CA SER A 136 -10.28 -0.10 -6.88
C SER A 136 -9.95 -1.10 -5.78
N SER A 137 -9.57 -0.64 -4.60
CA SER A 137 -9.20 -1.56 -3.51
C SER A 137 -10.45 -2.13 -2.85
N PRO A 138 -10.46 -3.43 -2.54
CA PRO A 138 -11.57 -4.09 -1.87
C PRO A 138 -11.41 -4.22 -0.33
N LEU A 139 -10.66 -3.32 0.28
CA LEU A 139 -10.49 -3.32 1.74
C LEU A 139 -11.61 -2.54 2.42
N MET A 140 -12.18 -1.57 1.73
CA MET A 140 -13.22 -0.71 2.29
C MET A 140 -14.36 -0.48 1.28
N GLY A 141 -15.60 -0.49 1.75
CA GLY A 141 -16.74 -0.14 0.91
C GLY A 141 -16.73 1.33 0.54
N ILE A 142 -17.60 1.70 -0.40
CA ILE A 142 -17.67 3.06 -0.95
C ILE A 142 -17.70 4.13 0.14
N PHE A 143 -18.60 3.95 1.10
CA PHE A 143 -18.83 5.00 2.11
C PHE A 143 -17.79 5.01 3.22
N GLU A 144 -17.23 3.85 3.53
CA GLU A 144 -16.12 3.76 4.47
C GLU A 144 -14.92 4.57 3.95
N LYS A 145 -14.62 4.42 2.65
CA LYS A 145 -13.57 5.20 2.01
C LYS A 145 -13.79 6.69 2.18
N ARG A 146 -15.03 7.15 2.11
CA ARG A 146 -15.29 8.59 2.29
C ARG A 146 -14.90 9.08 3.68
N ARG A 147 -15.36 8.36 4.71
CA ARG A 147 -15.06 8.72 6.09
C ARG A 147 -13.56 8.67 6.29
N MET A 148 -12.96 7.57 5.87
CA MET A 148 -11.50 7.41 5.82
C MET A 148 -10.81 8.63 5.19
N LYS A 149 -11.36 9.13 4.09
CA LYS A 149 -10.81 10.29 3.40
C LYS A 149 -10.97 11.54 4.24
N LYS A 150 -12.12 11.67 4.91
CA LYS A 150 -12.38 12.80 5.81
C LYS A 150 -11.48 12.75 7.05
N PHE A 151 -11.15 11.55 7.50
CA PHE A 151 -10.17 11.35 8.55
C PHE A 151 -8.81 11.86 8.10
N LEU A 152 -8.33 11.37 6.96
CA LEU A 152 -6.99 11.77 6.45
C LEU A 152 -6.86 13.27 6.13
N GLU A 153 -7.98 13.90 5.75
CA GLU A 153 -8.01 15.36 5.57
C GLU A 153 -7.72 16.04 6.91
N TRP A 154 -8.29 15.48 7.98
CA TRP A 154 -8.10 16.00 9.34
C TRP A 154 -6.64 15.93 9.79
N ILE A 155 -5.96 14.82 9.47
CA ILE A 155 -4.55 14.64 9.81
C ILE A 155 -3.68 15.72 9.20
N SER A 156 -4.01 16.11 7.96
CA SER A 156 -3.29 17.19 7.30
C SER A 156 -3.73 18.54 7.84
N SER A 157 -5.04 18.79 7.85
CA SER A 157 -5.58 20.09 8.26
C SER A 157 -5.35 20.41 9.74
N TYR A 158 -5.25 19.40 10.60
CA TYR A 158 -5.01 19.66 12.03
C TYR A 158 -3.79 20.54 12.24
N LYS A 159 -3.97 21.66 12.92
CA LYS A 159 -2.86 22.53 13.32
C LYS A 159 -2.93 22.79 14.82
N GLU A 160 -1.93 22.32 15.54
CA GLU A 160 -1.89 22.37 17.00
C GLU A 160 -2.39 23.69 17.59
N ASP A 161 -1.92 24.81 17.06
CA ASP A 161 -2.15 26.14 17.66
C ASP A 161 -3.43 26.84 17.22
N ASP A 162 -4.25 26.16 16.42
CA ASP A 162 -5.55 26.66 16.00
C ASP A 162 -6.63 25.65 16.41
N LEU A 163 -7.31 25.95 17.51
CA LEU A 163 -8.41 25.12 18.00
C LEU A 163 -9.52 24.86 16.97
N SER A 164 -9.75 25.80 16.04
CA SER A 164 -10.83 25.62 15.05
C SER A 164 -10.56 24.51 14.02
N THR A 165 -9.33 24.00 13.98
CA THR A 165 -8.95 22.93 13.08
C THR A 165 -9.11 21.54 13.70
N HIS A 166 -9.25 21.50 15.02
CA HIS A 166 -9.25 20.24 15.79
C HIS A 166 -10.50 19.37 15.57
N GLN A 167 -11.56 19.95 15.02
CA GLN A 167 -12.86 19.25 14.87
C GLN A 167 -13.35 18.64 16.19
N GLY A 168 -13.09 19.35 17.28
CA GLY A 168 -13.62 18.99 18.59
C GLY A 168 -12.85 17.90 19.30
N LEU A 169 -11.61 17.67 18.91
CA LEU A 169 -10.81 16.58 19.46
C LEU A 169 -9.53 17.12 20.10
N ASP A 170 -9.09 16.44 21.15
CA ASP A 170 -7.88 16.78 21.90
C ASP A 170 -6.96 15.57 21.86
N LEU A 171 -5.78 15.74 21.26
CA LEU A 171 -4.85 14.61 21.07
C LEU A 171 -4.27 14.10 22.38
N ASP A 172 -4.32 14.93 23.43
CA ASP A 172 -3.85 14.54 24.76
C ASP A 172 -4.92 13.78 25.55
N LYS A 173 -6.17 14.22 25.46
CA LYS A 173 -7.25 13.71 26.31
C LYS A 173 -8.03 12.57 25.65
N ASN A 174 -8.30 12.68 24.35
CA ASN A 174 -8.99 11.61 23.63
C ASN A 174 -8.06 10.45 23.28
N THR A 175 -8.59 9.23 23.33
CA THR A 175 -7.87 8.05 22.87
C THR A 175 -8.03 7.91 21.35
N MET A 176 -7.21 7.07 20.74
CA MET A 176 -7.24 6.89 19.28
C MET A 176 -8.54 6.21 18.84
N ASP A 177 -9.02 5.30 19.69
CA ASP A 177 -10.31 4.67 19.49
C ASP A 177 -11.43 5.71 19.50
N GLU A 178 -11.31 6.71 20.36
CA GLU A 178 -12.30 7.78 20.43
C GLU A 178 -12.24 8.66 19.19
N VAL A 179 -11.03 8.94 18.67
CA VAL A 179 -10.87 9.61 17.39
C VAL A 179 -11.50 8.79 16.26
N TYR A 180 -11.18 7.50 16.21
CA TYR A 180 -11.77 6.60 15.22
C TYR A 180 -13.30 6.60 15.24
N TYR A 181 -13.89 6.59 16.45
CA TYR A 181 -15.35 6.65 16.59
C TYR A 181 -15.92 7.94 15.98
N LYS A 182 -15.33 9.07 16.37
CA LYS A 182 -15.73 10.38 15.86
C LYS A 182 -15.95 10.38 14.35
N PHE A 183 -15.00 9.80 13.61
CA PHE A 183 -15.08 9.78 12.14
C PHE A 183 -15.93 8.64 11.58
N GLY A 184 -16.33 7.70 12.44
CA GLY A 184 -17.24 6.62 12.03
C GLY A 184 -16.56 5.39 11.44
N LEU A 185 -15.28 5.21 11.74
CA LEU A 185 -14.49 4.17 11.11
C LEU A 185 -14.66 2.82 11.77
N GLY A 186 -15.04 1.82 11.00
CA GLY A 186 -15.20 0.46 11.51
C GLY A 186 -13.88 -0.20 11.86
N ASN A 187 -13.97 -1.36 12.51
CA ASN A 187 -12.78 -2.00 13.09
C ASN A 187 -11.70 -2.44 12.10
N SER A 188 -12.11 -2.88 10.90
CA SER A 188 -11.15 -3.23 9.84
C SER A 188 -10.34 -2.02 9.42
N THR A 189 -11.00 -0.87 9.35
CA THR A 189 -10.33 0.38 8.99
C THR A 189 -9.36 0.82 10.08
N LYS A 190 -9.75 0.62 11.35
CA LYS A 190 -8.90 0.92 12.50
C LYS A 190 -7.62 0.12 12.41
N GLU A 191 -7.77 -1.18 12.16
CA GLU A 191 -6.62 -2.06 12.01
C GLU A 191 -5.71 -1.58 10.88
N PHE A 192 -6.31 -1.25 9.74
CA PHE A 192 -5.58 -0.74 8.59
C PHE A 192 -4.78 0.49 8.95
N ILE A 193 -5.48 1.54 9.40
CA ILE A 193 -4.83 2.79 9.77
C ILE A 193 -3.81 2.59 10.89
N GLY A 194 -4.09 1.66 11.81
CA GLY A 194 -3.23 1.45 12.98
C GLY A 194 -1.98 0.64 12.72
N HIS A 195 -2.10 -0.45 11.96
CA HIS A 195 -0.98 -1.35 11.71
C HIS A 195 -0.24 -1.06 10.41
N ALA A 196 -0.92 -0.44 9.45
CA ALA A 196 -0.36 -0.23 8.12
C ALA A 196 0.12 1.19 7.87
N MET A 197 -0.39 2.16 8.61
CA MET A 197 0.01 3.57 8.44
C MET A 197 0.75 4.09 9.68
N ALA A 198 0.14 3.92 10.86
CA ALA A 198 0.79 4.29 12.12
C ALA A 198 1.89 3.29 12.48
N LEU A 199 1.75 2.06 12.00
CA LEU A 199 2.76 1.00 12.16
C LEU A 199 2.98 0.63 13.61
N TRP A 200 1.88 0.30 14.28
CA TRP A 200 1.91 -0.28 15.61
C TRP A 200 1.99 -1.79 15.46
N THR A 201 2.66 -2.46 16.38
CA THR A 201 2.80 -3.92 16.32
C THR A 201 1.74 -4.64 17.15
N ASN A 202 0.82 -3.88 17.75
CA ASN A 202 -0.34 -4.44 18.44
C ASN A 202 -1.43 -3.37 18.57
N ASP A 203 -2.58 -3.72 19.16
CA ASP A 203 -3.71 -2.80 19.28
C ASP A 203 -3.76 -1.98 20.58
N ASP A 204 -2.69 -1.97 21.37
CA ASP A 204 -2.69 -1.21 22.62
C ASP A 204 -2.88 0.30 22.41
N TYR A 205 -2.40 0.80 21.28
CA TYR A 205 -2.52 2.23 20.93
C TYR A 205 -3.95 2.77 21.02
N LEU A 206 -4.94 1.88 20.82
CA LEU A 206 -6.37 2.23 20.80
C LEU A 206 -6.86 2.85 22.11
N GLN A 207 -6.35 2.35 23.23
CA GLN A 207 -6.72 2.84 24.56
C GLN A 207 -5.78 3.93 25.03
N GLN A 208 -4.63 4.06 24.38
CA GLN A 208 -3.65 5.10 24.71
C GLN A 208 -4.07 6.43 24.08
N PRO A 209 -3.43 7.54 24.47
CA PRO A 209 -3.82 8.81 23.84
C PRO A 209 -3.48 8.86 22.36
N ALA A 210 -4.10 9.82 21.65
CA ALA A 210 -4.04 9.91 20.20
C ALA A 210 -2.72 10.48 19.70
N ARG A 211 -2.29 11.57 20.32
CA ARG A 211 -1.02 12.25 20.01
C ARG A 211 0.01 11.39 19.25
N PRO A 212 0.58 10.34 19.90
CA PRO A 212 1.61 9.56 19.21
C PRO A 212 1.12 8.87 17.92
N SER A 213 -0.14 8.43 17.92
CA SER A 213 -0.69 7.79 16.72
C SER A 213 -0.90 8.81 15.60
N PHE A 214 -1.38 9.99 15.96
CA PHE A 214 -1.54 11.09 15.02
C PHE A 214 -0.20 11.40 14.35
N GLU A 215 0.84 11.62 15.15
CA GLU A 215 2.18 11.96 14.66
C GLU A 215 2.70 10.94 13.66
N ARG A 216 2.61 9.68 14.04
CA ARG A 216 3.01 8.56 13.19
C ARG A 216 2.20 8.45 11.90
N ILE A 217 0.91 8.79 11.98
CA ILE A 217 0.03 8.76 10.80
C ILE A 217 0.36 9.93 9.89
N LEU A 218 0.60 11.11 10.48
CA LEU A 218 1.08 12.27 9.71
C LEU A 218 2.44 12.00 9.05
N LEU A 219 3.30 11.24 9.72
CA LEU A 219 4.60 10.89 9.16
C LEU A 219 4.43 9.99 7.95
N TYR A 220 3.53 9.01 8.04
CA TYR A 220 3.27 8.11 6.91
C TYR A 220 2.86 8.93 5.71
N CYS A 221 1.82 9.73 5.89
CA CYS A 221 1.26 10.51 4.82
C CYS A 221 2.31 11.44 4.22
N GLN A 222 3.08 12.10 5.07
CA GLN A 222 4.13 13.02 4.61
C GLN A 222 5.24 12.29 3.84
N SER A 223 5.50 11.05 4.24
CA SER A 223 6.52 10.24 3.58
C SER A 223 6.05 9.76 2.21
N VAL A 224 4.78 9.42 2.07
CA VAL A 224 4.24 9.06 0.76
C VAL A 224 4.22 10.29 -0.15
N ALA A 225 4.03 11.48 0.41
CA ALA A 225 3.92 12.70 -0.40
C ALA A 225 5.25 13.09 -1.05
N ARG A 226 6.35 12.88 -0.34
CA ARG A 226 7.63 13.51 -0.70
C ARG A 226 8.12 13.15 -2.10
N TYR A 227 8.13 11.86 -2.41
CA TYR A 227 8.57 11.37 -3.72
C TYR A 227 7.48 10.61 -4.45
N GLY A 228 6.44 10.21 -3.73
CA GLY A 228 5.26 9.65 -4.34
C GLY A 228 4.89 8.25 -3.86
N LYS A 229 5.13 7.27 -4.71
CA LYS A 229 4.35 6.02 -4.72
C LYS A 229 4.35 5.19 -3.42
N SER A 230 5.32 5.45 -2.51
CA SER A 230 5.35 4.76 -1.22
C SER A 230 6.08 5.60 -0.15
N PRO A 231 6.01 5.18 1.13
CA PRO A 231 6.67 5.91 2.19
C PRO A 231 8.11 5.51 2.46
N TYR A 232 8.57 4.42 1.85
CA TYR A 232 9.90 3.88 2.13
C TYR A 232 10.97 4.13 1.05
N LEU A 233 12.22 4.09 1.52
CA LEU A 233 13.41 4.17 0.70
C LEU A 233 14.30 3.03 1.14
N TYR A 234 15.19 2.57 0.27
CA TYR A 234 16.13 1.52 0.62
C TYR A 234 17.47 1.77 -0.06
N PRO A 235 18.56 1.66 0.69
CA PRO A 235 19.87 1.94 0.11
C PRO A 235 20.39 0.86 -0.84
N MET A 236 20.87 1.27 -2.00
CA MET A 236 21.54 0.35 -2.92
C MET A 236 22.74 -0.27 -2.20
N TYR A 237 22.93 -1.58 -2.36
CA TYR A 237 24.05 -2.32 -1.76
C TYR A 237 23.81 -2.64 -0.27
N GLY A 238 22.62 -2.34 0.22
CA GLY A 238 22.21 -2.84 1.52
C GLY A 238 22.35 -1.83 2.62
N LEU A 239 21.81 -2.18 3.78
CA LEU A 239 21.76 -1.26 4.90
C LEU A 239 23.17 -0.95 5.40
N GLY A 240 24.13 -1.84 5.12
CA GLY A 240 25.51 -1.61 5.48
C GLY A 240 26.12 -0.32 4.98
N GLU A 241 25.55 0.24 3.90
CA GLU A 241 26.02 1.50 3.34
C GLU A 241 25.78 2.68 4.27
N LEU A 242 24.71 2.61 5.05
CA LEU A 242 24.37 3.69 5.98
C LEU A 242 25.47 3.97 7.01
N PRO A 243 25.89 2.95 7.78
CA PRO A 243 26.96 3.23 8.74
C PRO A 243 28.26 3.67 8.07
N GLN A 244 28.63 3.02 6.97
CA GLN A 244 29.82 3.40 6.21
C GLN A 244 29.81 4.86 5.77
N GLY A 245 28.63 5.36 5.44
CA GLY A 245 28.49 6.74 5.00
C GLY A 245 28.81 7.68 6.12
N PHE A 246 28.26 7.41 7.30
CA PHE A 246 28.50 8.26 8.45
C PHE A 246 29.93 8.12 8.96
N ALA A 247 30.52 6.93 8.79
CA ALA A 247 31.92 6.73 9.15
C ALA A 247 32.80 7.66 8.36
N ARG A 248 32.42 7.90 7.10
CA ARG A 248 33.17 8.77 6.22
C ARG A 248 33.00 10.22 6.62
N LEU A 249 31.77 10.61 6.96
CA LEU A 249 31.52 11.97 7.46
C LEU A 249 32.48 12.21 8.62
N SER A 250 32.51 11.24 9.55
CA SER A 250 33.39 11.30 10.70
C SER A 250 34.83 11.46 10.26
N ALA A 251 35.29 10.55 9.39
CA ALA A 251 36.68 10.59 8.91
C ALA A 251 37.03 11.92 8.25
N ILE A 252 36.10 12.46 7.46
CA ILE A 252 36.35 13.71 6.77
C ILE A 252 36.66 14.80 7.78
N TYR A 253 35.99 14.79 8.91
CA TYR A 253 36.10 15.90 9.86
C TYR A 253 37.10 15.68 10.99
N GLY A 254 37.81 14.55 10.98
CA GLY A 254 38.86 14.31 11.95
C GLY A 254 38.91 12.93 12.59
N GLY A 255 37.90 12.11 12.36
CA GLY A 255 37.81 10.83 13.05
C GLY A 255 38.87 9.83 12.59
N THR A 256 39.24 8.93 13.49
CA THR A 256 40.18 7.85 13.18
C THR A 256 39.46 6.51 13.31
N TYR A 257 39.70 5.60 12.38
CA TYR A 257 38.95 4.36 12.34
C TYR A 257 39.85 3.15 12.35
N MET A 258 39.55 2.21 13.25
CA MET A 258 40.24 0.92 13.30
C MET A 258 39.20 -0.20 13.29
N LEU A 259 39.32 -1.13 12.34
CA LEU A 259 38.49 -2.34 12.33
C LEU A 259 39.34 -3.50 12.80
N ASP A 260 38.71 -4.65 13.02
CA ASP A 260 39.40 -5.90 13.35
C ASP A 260 40.38 -5.72 14.51
N THR A 261 39.97 -4.88 15.46
CA THR A 261 40.80 -4.45 16.58
C THR A 261 40.03 -4.70 17.86
N PRO A 262 40.07 -5.94 18.37
CA PRO A 262 39.35 -6.29 19.59
C PRO A 262 39.81 -5.50 20.81
N ILE A 263 38.87 -5.17 21.70
CA ILE A 263 39.19 -4.44 22.94
C ILE A 263 39.66 -5.40 24.00
N ASP A 264 40.98 -5.53 24.14
CA ASP A 264 41.57 -6.48 25.07
C ASP A 264 41.20 -6.17 26.53
N GLU A 265 41.04 -4.90 26.87
CA GLU A 265 40.69 -4.51 28.23
C GLU A 265 40.16 -3.09 28.28
N VAL A 266 39.05 -2.88 28.97
CA VAL A 266 38.55 -1.55 29.24
C VAL A 266 39.27 -1.05 30.47
N LEU A 267 39.58 0.24 30.51
CA LEU A 267 40.32 0.84 31.63
C LEU A 267 39.46 1.91 32.32
N TYR A 268 39.25 1.70 33.62
CA TYR A 268 38.44 2.59 34.45
C TYR A 268 39.38 3.35 35.38
N LYS A 269 38.98 4.56 35.75
CA LYS A 269 39.78 5.39 36.66
C LYS A 269 39.69 4.87 38.09
N LYS A 270 40.86 4.50 38.63
CA LYS A 270 41.15 4.46 40.07
C LYS A 270 40.01 5.00 40.97
N ASP A 271 39.40 4.09 41.76
CA ASP A 271 38.39 4.44 42.79
C ASP A 271 37.04 4.94 42.24
N THR A 272 37.10 5.84 41.26
CA THR A 272 35.94 6.57 40.77
C THR A 272 34.98 5.72 39.89
N GLY A 273 35.50 4.68 39.21
CA GLY A 273 34.67 3.82 38.36
C GLY A 273 34.43 4.32 36.94
N LYS A 274 34.52 5.65 36.76
CA LYS A 274 34.41 6.30 35.45
C LYS A 274 35.35 5.71 34.40
N PHE A 275 35.10 6.06 33.14
CA PHE A 275 35.84 5.54 32.00
C PHE A 275 37.14 6.31 31.81
N GLU A 276 38.23 5.59 31.57
CA GLU A 276 39.54 6.20 31.33
C GLU A 276 39.97 6.00 29.88
N GLY A 277 39.97 4.74 29.43
CA GLY A 277 40.39 4.39 28.09
C GLY A 277 40.24 2.92 27.76
N VAL A 278 40.81 2.50 26.63
CA VAL A 278 40.79 1.09 26.23
C VAL A 278 42.18 0.63 25.79
N LYS A 279 42.33 -0.69 25.72
CA LYS A 279 43.62 -1.33 25.48
C LYS A 279 43.48 -2.31 24.32
N THR A 280 44.18 -2.01 23.23
CA THR A 280 44.06 -2.77 21.98
C THR A 280 45.41 -3.31 21.58
N LYS A 281 45.40 -4.17 20.56
CA LYS A 281 46.63 -4.69 19.99
C LYS A 281 47.45 -3.57 19.32
N LEU A 282 46.81 -2.41 19.06
CA LEU A 282 47.51 -1.24 18.52
C LEU A 282 47.84 -0.19 19.60
N GLY A 283 48.03 -0.63 20.84
CA GLY A 283 48.36 0.28 21.94
C GLY A 283 47.17 0.64 22.80
N THR A 284 47.22 1.81 23.41
CA THR A 284 46.29 2.20 24.47
C THR A 284 45.79 3.60 24.24
N PHE A 285 44.47 3.79 24.30
CA PHE A 285 43.86 5.07 23.95
C PHE A 285 42.94 5.54 25.04
N LYS A 286 42.96 6.85 25.31
CA LYS A 286 42.27 7.42 26.46
C LYS A 286 41.29 8.51 26.04
N ALA A 287 40.19 8.60 26.76
CA ALA A 287 39.24 9.68 26.57
C ALA A 287 38.39 9.85 27.82
N PRO A 288 37.85 11.05 28.03
CA PRO A 288 36.95 11.32 29.15
C PRO A 288 35.59 10.59 29.13
N LEU A 289 35.21 9.96 28.02
CA LEU A 289 33.91 9.28 27.87
C LEU A 289 33.91 8.26 26.72
N VAL A 290 32.92 7.37 26.69
CA VAL A 290 32.85 6.34 25.64
C VAL A 290 31.41 6.12 25.17
N ILE A 291 31.25 5.92 23.86
CA ILE A 291 29.96 5.61 23.26
C ILE A 291 30.06 4.21 22.69
N ALA A 292 29.19 3.31 23.11
CA ALA A 292 29.37 1.92 22.73
C ALA A 292 28.05 1.17 22.66
N ASP A 293 28.03 0.10 21.88
CA ASP A 293 26.84 -0.73 21.85
C ASP A 293 26.90 -1.76 22.98
N PRO A 294 25.78 -2.42 23.27
CA PRO A 294 25.70 -3.37 24.36
C PRO A 294 26.67 -4.57 24.36
N THR A 295 27.22 -4.98 23.21
CA THR A 295 28.16 -6.12 23.23
C THR A 295 29.53 -5.77 23.84
N TYR A 296 29.79 -4.49 24.08
CA TYR A 296 31.04 -4.05 24.69
C TYR A 296 30.95 -3.85 26.21
N PHE A 297 29.73 -3.81 26.75
CA PHE A 297 29.53 -3.64 28.17
C PHE A 297 28.31 -4.45 28.66
N PRO A 298 28.30 -5.78 28.44
CA PRO A 298 27.13 -6.60 28.80
C PRO A 298 26.62 -6.38 30.22
N GLU A 299 27.55 -6.18 31.16
CA GLU A 299 27.23 -6.01 32.60
C GLU A 299 26.48 -4.72 32.87
N LYS A 300 26.66 -3.70 32.02
CA LYS A 300 25.93 -2.43 32.16
C LYS A 300 24.64 -2.40 31.32
N CYS A 301 24.20 -3.58 30.87
CA CYS A 301 22.99 -3.72 30.08
C CYS A 301 22.03 -4.73 30.69
N LYS A 302 20.74 -4.44 30.54
CA LYS A 302 19.67 -5.33 30.96
C LYS A 302 18.79 -5.66 29.77
N SER A 303 18.20 -6.84 29.79
CA SER A 303 17.21 -7.22 28.79
C SER A 303 15.97 -6.35 28.94
N THR A 304 15.29 -6.10 27.82
CA THR A 304 14.04 -5.36 27.80
C THR A 304 12.86 -6.33 27.91
N GLY A 305 13.17 -7.63 27.96
CA GLY A 305 12.15 -8.66 28.04
C GLY A 305 11.84 -9.29 26.69
N GLN A 306 12.07 -8.55 25.60
CA GLN A 306 11.71 -8.99 24.26
C GLN A 306 12.83 -9.78 23.58
N ARG A 307 12.43 -10.82 22.85
CA ARG A 307 13.32 -11.54 21.95
C ARG A 307 12.67 -11.56 20.56
N VAL A 308 13.49 -11.44 19.52
CA VAL A 308 13.01 -11.27 18.17
C VAL A 308 13.52 -12.40 17.29
N ILE A 309 12.61 -13.01 16.53
CA ILE A 309 13.00 -14.01 15.53
C ILE A 309 13.19 -13.32 14.18
N ARG A 310 14.26 -13.66 13.48
CA ARG A 310 14.59 -13.05 12.20
C ARG A 310 14.96 -14.15 11.22
N ALA A 311 14.16 -14.27 10.18
CA ALA A 311 14.27 -15.34 9.20
C ALA A 311 14.60 -14.72 7.85
N ILE A 312 15.73 -15.08 7.28
CA ILE A 312 16.16 -14.54 5.99
C ILE A 312 15.95 -15.62 4.95
N CYS A 313 15.08 -15.35 3.97
CA CYS A 313 14.72 -16.35 2.97
C CYS A 313 15.11 -15.91 1.56
N ILE A 314 15.89 -16.76 0.88
CA ILE A 314 16.26 -16.51 -0.51
C ILE A 314 15.23 -17.14 -1.41
N LEU A 315 14.65 -16.35 -2.32
CA LEU A 315 13.69 -16.85 -3.31
C LEU A 315 14.28 -16.78 -4.71
N ASN A 316 13.74 -17.60 -5.62
CA ASN A 316 14.10 -17.58 -7.06
C ASN A 316 13.16 -16.75 -7.92
N HIS A 317 12.17 -16.14 -7.28
CA HIS A 317 11.01 -15.58 -7.98
C HIS A 317 10.33 -14.50 -7.17
N PRO A 318 9.61 -13.59 -7.84
CA PRO A 318 8.91 -12.52 -7.13
C PRO A 318 7.92 -13.09 -6.14
N VAL A 319 7.54 -12.30 -5.13
CA VAL A 319 6.59 -12.76 -4.14
C VAL A 319 5.20 -12.80 -4.80
N PRO A 320 4.47 -13.92 -4.62
CA PRO A 320 3.09 -14.08 -5.09
C PRO A 320 2.15 -12.90 -4.78
N ASN A 321 1.36 -12.52 -5.77
CA ASN A 321 0.32 -11.51 -5.61
C ASN A 321 0.87 -10.14 -5.28
N THR A 322 2.07 -9.85 -5.78
CA THR A 322 2.70 -8.56 -5.54
C THR A 322 2.98 -7.82 -6.85
N SER A 323 2.37 -8.28 -7.95
CA SER A 323 2.56 -7.67 -9.28
C SER A 323 4.03 -7.68 -9.70
N ASN A 324 4.73 -8.75 -9.33
CA ASN A 324 6.18 -8.86 -9.57
C ASN A 324 7.02 -7.67 -9.06
N ALA A 325 6.65 -7.11 -7.90
CA ALA A 325 7.35 -5.93 -7.38
C ALA A 325 8.78 -6.25 -7.01
N ASP A 326 9.65 -5.25 -7.14
CA ASP A 326 11.09 -5.38 -6.85
C ASP A 326 11.41 -5.26 -5.36
N SER A 327 10.58 -4.49 -4.64
CA SER A 327 10.71 -4.32 -3.19
C SER A 327 9.32 -4.17 -2.60
N LEU A 328 9.19 -4.40 -1.29
CA LEU A 328 7.91 -4.74 -0.72
C LEU A 328 7.97 -4.78 0.80
N GLN A 329 6.94 -4.27 1.47
CA GLN A 329 6.71 -4.61 2.88
C GLN A 329 5.36 -5.30 3.07
N ILE A 330 5.34 -6.43 3.78
CA ILE A 330 4.10 -7.10 4.15
C ILE A 330 3.82 -6.94 5.63
N ILE A 331 2.65 -6.43 5.98
CA ILE A 331 2.24 -6.29 7.38
C ILE A 331 1.16 -7.31 7.72
N ILE A 332 1.45 -8.20 8.67
CA ILE A 332 0.47 -9.18 9.15
C ILE A 332 0.02 -8.80 10.55
N PRO A 333 -1.09 -8.06 10.66
CA PRO A 333 -1.50 -7.61 12.00
C PRO A 333 -1.82 -8.79 12.90
N GLN A 334 -1.65 -8.60 14.20
CA GLN A 334 -1.77 -9.71 15.16
C GLN A 334 -3.19 -10.24 15.27
N SER A 335 -4.17 -9.35 15.19
CA SER A 335 -5.54 -9.77 15.28
C SER A 335 -5.80 -10.89 14.27
N GLN A 336 -5.20 -10.82 13.08
CA GLN A 336 -5.42 -11.84 12.04
C GLN A 336 -4.79 -13.21 12.34
N LEU A 337 -4.04 -13.34 13.43
CA LEU A 337 -3.37 -14.62 13.73
C LEU A 337 -3.47 -15.08 15.19
N GLY A 338 -4.14 -14.29 16.05
CA GLY A 338 -4.25 -14.60 17.47
C GLY A 338 -2.95 -14.43 18.23
N ARG A 339 -2.24 -13.35 17.94
CA ARG A 339 -0.94 -13.07 18.55
C ARG A 339 -1.00 -11.79 19.38
N LYS A 340 0.10 -11.50 20.06
CA LYS A 340 0.26 -10.24 20.77
C LYS A 340 1.04 -9.21 19.95
N SER A 341 1.73 -9.67 18.91
CA SER A 341 2.63 -8.82 18.10
C SER A 341 2.46 -9.10 16.61
N ASP A 342 2.48 -8.04 15.79
CA ASP A 342 2.45 -8.18 14.33
C ASP A 342 3.62 -9.01 13.84
N ILE A 343 3.49 -9.61 12.66
CA ILE A 343 4.65 -10.13 11.91
C ILE A 343 4.95 -9.15 10.78
N TYR A 344 6.22 -9.02 10.43
CA TYR A 344 6.66 -8.16 9.34
C TYR A 344 7.39 -8.98 8.29
N VAL A 345 7.32 -8.54 7.04
CA VAL A 345 8.22 -9.06 6.01
C VAL A 345 8.79 -7.89 5.21
N ALA A 346 10.08 -7.91 4.94
CA ALA A 346 10.69 -6.94 4.06
C ALA A 346 11.27 -7.69 2.87
N ILE A 347 10.91 -7.28 1.66
CA ILE A 347 11.52 -7.87 0.47
C ILE A 347 12.37 -6.85 -0.28
N VAL A 348 13.56 -7.28 -0.67
CA VAL A 348 14.40 -6.56 -1.60
C VAL A 348 14.96 -7.59 -2.56
N SER A 349 15.66 -7.15 -3.58
CA SER A 349 16.08 -8.05 -4.65
C SER A 349 17.30 -7.55 -5.39
N ASP A 350 17.65 -8.23 -6.48
CA ASP A 350 18.75 -7.84 -7.34
C ASP A 350 18.69 -6.40 -7.84
N ALA A 351 17.51 -5.78 -7.78
CA ALA A 351 17.35 -4.37 -8.13
C ALA A 351 18.12 -3.45 -7.20
N HIS A 352 18.49 -3.95 -6.01
CA HIS A 352 19.18 -3.15 -5.01
C HIS A 352 20.58 -3.68 -4.75
N ASN A 353 21.10 -4.44 -5.71
CA ASN A 353 22.43 -5.06 -5.59
C ASN A 353 22.69 -5.67 -4.21
N VAL A 354 21.70 -6.40 -3.70
CA VAL A 354 21.83 -7.13 -2.44
C VAL A 354 21.95 -8.64 -2.65
N CYS A 355 21.66 -9.12 -3.85
CA CYS A 355 21.79 -10.54 -4.19
C CYS A 355 22.01 -10.71 -5.69
N SER A 356 22.38 -11.92 -6.11
CA SER A 356 22.68 -12.18 -7.51
C SER A 356 21.43 -12.12 -8.35
N LYS A 357 21.62 -11.95 -9.66
CA LYS A 357 20.52 -11.73 -10.59
C LYS A 357 19.48 -12.83 -10.45
N GLY A 358 18.20 -12.44 -10.43
CA GLY A 358 17.10 -13.40 -10.39
C GLY A 358 16.58 -13.72 -9.01
N HIS A 359 17.38 -13.49 -7.97
CA HIS A 359 16.96 -13.80 -6.61
C HIS A 359 16.22 -12.66 -5.91
N TYR A 360 15.58 -13.02 -4.80
CA TYR A 360 14.84 -12.10 -3.96
C TYR A 360 15.19 -12.42 -2.51
N LEU A 361 15.33 -11.40 -1.67
CA LEU A 361 15.54 -11.60 -0.24
C LEU A 361 14.27 -11.22 0.49
N ALA A 362 13.78 -12.11 1.34
CA ALA A 362 12.59 -11.83 2.15
C ALA A 362 12.97 -12.04 3.60
N ILE A 363 12.90 -10.98 4.40
CA ILE A 363 13.31 -11.06 5.78
C ILE A 363 12.09 -10.93 6.68
N ILE A 364 11.73 -12.05 7.31
CA ILE A 364 10.57 -12.11 8.20
C ILE A 364 11.05 -11.86 9.62
N SER A 365 10.25 -11.14 10.40
CA SER A 365 10.64 -10.82 11.77
C SER A 365 9.43 -10.59 12.65
N THR A 366 9.53 -10.99 13.91
CA THR A 366 8.50 -10.70 14.93
C THR A 366 9.00 -10.95 16.34
N ILE A 367 8.28 -10.39 17.31
CA ILE A 367 8.55 -10.64 18.72
C ILE A 367 8.01 -12.01 19.14
N ILE A 368 8.93 -12.88 19.56
CA ILE A 368 8.61 -14.24 19.99
C ILE A 368 7.69 -14.24 21.20
N GLU A 369 6.66 -15.09 21.16
CA GLU A 369 5.75 -15.27 22.30
C GLU A 369 5.41 -16.74 22.56
N THR A 370 6.18 -17.66 21.96
CA THR A 370 6.01 -19.08 22.19
C THR A 370 7.37 -19.74 22.36
N ASP A 371 7.39 -21.06 22.51
CA ASP A 371 8.65 -21.81 22.70
C ASP A 371 9.12 -22.46 21.38
N LYS A 372 8.42 -22.15 20.29
CA LYS A 372 8.74 -22.66 18.96
C LYS A 372 8.57 -21.51 17.94
N PRO A 373 9.61 -20.67 17.83
CA PRO A 373 9.63 -19.52 16.90
C PRO A 373 9.41 -19.90 15.43
N HIS A 374 10.05 -20.97 14.97
CA HIS A 374 9.92 -21.39 13.58
C HIS A 374 8.46 -21.62 13.16
N ILE A 375 7.61 -22.07 14.08
CA ILE A 375 6.17 -22.26 13.80
C ILE A 375 5.42 -20.93 13.73
N GLU A 376 5.76 -20.00 14.63
CA GLU A 376 5.10 -18.69 14.68
C GLU A 376 5.10 -18.01 13.31
N LEU A 377 6.21 -18.14 12.58
CA LEU A 377 6.40 -17.48 11.29
C LEU A 377 5.78 -18.21 10.10
N GLU A 378 5.14 -19.34 10.34
CA GLU A 378 4.64 -20.17 9.23
C GLU A 378 3.67 -19.46 8.30
N PRO A 379 2.73 -18.67 8.85
CA PRO A 379 1.82 -17.93 7.96
C PRO A 379 2.58 -17.05 6.96
N ALA A 380 3.67 -16.45 7.40
CA ALA A 380 4.52 -15.63 6.54
C ALA A 380 5.23 -16.48 5.50
N PHE A 381 5.76 -17.64 5.90
CA PHE A 381 6.44 -18.53 4.94
C PHE A 381 5.52 -18.97 3.79
N LYS A 382 4.23 -19.15 4.07
CA LYS A 382 3.26 -19.54 3.03
C LYS A 382 3.05 -18.45 1.98
N LEU A 383 3.20 -17.18 2.38
CA LEU A 383 3.05 -16.05 1.45
C LEU A 383 4.16 -15.96 0.41
N LEU A 384 5.31 -16.59 0.68
CA LEU A 384 6.52 -16.43 -0.12
C LEU A 384 6.60 -17.40 -1.29
N GLY A 385 5.82 -18.48 -1.23
CA GLY A 385 5.95 -19.56 -2.19
C GLY A 385 7.17 -20.43 -1.89
N PRO A 386 7.71 -21.10 -2.91
CA PRO A 386 8.97 -21.83 -2.85
C PRO A 386 10.19 -21.01 -2.38
N ILE A 387 10.70 -21.40 -1.22
CA ILE A 387 11.88 -20.79 -0.60
C ILE A 387 13.10 -21.63 -0.88
N GLU A 388 14.20 -21.01 -1.30
CA GLU A 388 15.40 -21.78 -1.64
C GLU A 388 16.24 -22.10 -0.42
N GLU A 389 16.23 -21.22 0.59
CA GLU A 389 17.01 -21.45 1.81
C GLU A 389 16.64 -20.46 2.91
N LYS A 390 16.48 -20.95 4.13
CA LYS A 390 16.14 -20.10 5.28
C LYS A 390 17.31 -19.95 6.25
N PHE A 391 17.59 -18.73 6.66
CA PHE A 391 18.59 -18.47 7.69
C PHE A 391 17.90 -17.89 8.91
N MET A 392 17.84 -18.69 9.98
CA MET A 392 17.08 -18.37 11.19
C MET A 392 18.02 -17.89 12.27
N GLY A 393 17.52 -17.01 13.14
CA GLY A 393 18.31 -16.47 14.23
C GLY A 393 17.50 -15.65 15.20
N ILE A 394 17.77 -15.84 16.50
CA ILE A 394 17.09 -15.13 17.56
C ILE A 394 18.09 -14.17 18.20
N ALA A 395 17.61 -12.96 18.50
CA ALA A 395 18.41 -11.92 19.14
C ALA A 395 17.63 -11.33 20.32
N GLU A 396 18.29 -11.17 21.47
CA GLU A 396 17.68 -10.55 22.64
C GLU A 396 17.91 -9.04 22.65
N LEU A 397 16.90 -8.27 23.02
CA LEU A 397 16.97 -6.81 22.94
C LEU A 397 17.39 -6.17 24.24
N PHE A 398 18.61 -5.62 24.25
CA PHE A 398 19.17 -5.02 25.46
C PHE A 398 19.06 -3.50 25.45
N GLU A 399 19.11 -2.92 26.63
CA GLU A 399 19.20 -1.48 26.81
C GLU A 399 20.18 -1.19 27.95
N PRO A 400 20.66 0.06 28.06
CA PRO A 400 21.56 0.40 29.16
C PRO A 400 20.88 0.40 30.54
N ARG A 401 21.61 0.02 31.58
CA ARG A 401 21.08 0.06 32.96
C ARG A 401 20.95 1.49 33.47
N GLU A 402 21.98 2.29 33.28
CA GLU A 402 21.95 3.71 33.64
C GLU A 402 22.27 4.58 32.43
N ASP A 403 22.09 5.89 32.57
CA ASP A 403 22.25 6.78 31.41
C ASP A 403 23.71 7.21 31.17
N GLY A 404 24.63 6.80 32.03
CA GLY A 404 26.05 7.06 31.82
C GLY A 404 26.61 8.32 32.48
N SER A 405 25.80 9.01 33.29
CA SER A 405 26.33 10.14 34.09
C SER A 405 27.32 9.68 35.13
N LYS A 406 27.09 8.49 35.69
CA LYS A 406 27.93 7.96 36.76
C LYS A 406 29.32 7.65 36.22
N ASP A 407 29.32 6.90 35.11
CA ASP A 407 30.52 6.22 34.61
C ASP A 407 31.10 6.81 33.31
N ASN A 408 30.37 7.75 32.70
CA ASN A 408 30.65 8.18 31.32
C ASN A 408 30.76 7.01 30.31
N ILE A 409 29.97 5.96 30.54
CA ILE A 409 29.80 4.88 29.59
C ILE A 409 28.39 5.00 29.04
N TYR A 410 28.29 5.60 27.86
CA TYR A 410 27.00 5.93 27.23
C TYR A 410 26.63 4.87 26.21
N LEU A 411 25.76 3.95 26.59
CA LEU A 411 25.49 2.81 25.73
C LEU A 411 24.26 3.03 24.86
N SER A 412 24.29 2.43 23.68
CA SER A 412 23.16 2.45 22.74
C SER A 412 22.26 1.26 23.00
N ARG A 413 21.05 1.31 22.44
CA ARG A 413 20.10 0.22 22.56
C ARG A 413 20.25 -0.77 21.42
N SER A 414 19.95 -2.04 21.66
CA SER A 414 19.87 -3.00 20.56
C SER A 414 18.82 -2.54 19.56
N TYR A 415 18.98 -2.95 18.31
CA TYR A 415 18.03 -2.57 17.27
C TYR A 415 16.76 -3.41 17.46
N ASP A 416 15.63 -2.69 17.53
CA ASP A 416 14.36 -3.29 17.88
C ASP A 416 13.70 -3.97 16.66
N ALA A 417 12.43 -4.38 16.80
CA ALA A 417 11.73 -5.16 15.76
C ALA A 417 10.81 -4.31 14.91
N SER A 418 10.93 -2.99 14.98
CA SER A 418 10.14 -2.11 14.15
C SER A 418 10.66 -2.15 12.70
N SER A 419 9.81 -1.80 11.74
CA SER A 419 10.16 -1.93 10.32
C SER A 419 11.03 -0.79 9.80
N HIS A 420 11.11 0.32 10.54
CA HIS A 420 11.91 1.45 10.09
C HIS A 420 12.85 2.00 11.18
N PHE A 421 13.49 3.13 10.89
CA PHE A 421 14.61 3.62 11.68
C PHE A 421 14.24 4.76 12.61
N GLU A 422 12.95 5.06 12.69
CA GLU A 422 12.50 6.20 13.50
C GLU A 422 12.97 6.04 14.96
N SER A 423 12.81 4.86 15.53
CA SER A 423 13.21 4.62 16.92
C SER A 423 14.73 4.69 17.10
N MET A 424 15.48 4.27 16.10
CA MET A 424 16.95 4.32 16.16
C MET A 424 17.40 5.77 16.28
N THR A 425 16.77 6.66 15.50
CA THR A 425 17.16 8.06 15.53
C THR A 425 16.75 8.69 16.86
N ASP A 426 15.66 8.18 17.46
CA ASP A 426 15.27 8.57 18.81
C ASP A 426 16.39 8.23 19.80
N ASP A 427 17.02 7.06 19.62
CA ASP A 427 18.17 6.66 20.44
C ASP A 427 19.39 7.58 20.27
N VAL A 428 19.59 8.08 19.04
CA VAL A 428 20.73 8.92 18.71
C VAL A 428 20.56 10.27 19.37
N LYS A 429 19.40 10.89 19.15
CA LYS A 429 19.05 12.18 19.75
C LYS A 429 19.21 12.15 21.27
N ASP A 430 18.83 11.02 21.84
CA ASP A 430 18.92 10.81 23.27
C ASP A 430 20.38 10.73 23.70
N ILE A 431 21.11 9.75 23.16
CA ILE A 431 22.53 9.54 23.50
C ILE A 431 23.36 10.80 23.27
N TYR A 432 23.05 11.55 22.22
CA TYR A 432 23.75 12.80 21.96
C TYR A 432 23.65 13.74 23.17
N PHE A 433 22.42 14.01 23.60
CA PHE A 433 22.14 14.87 24.77
C PHE A 433 22.87 14.37 26.03
N ARG A 434 22.72 13.08 26.32
CA ARG A 434 23.40 12.48 27.46
C ARG A 434 24.91 12.77 27.46
N VAL A 435 25.52 12.82 26.28
CA VAL A 435 26.97 12.98 26.12
C VAL A 435 27.40 14.43 26.01
N THR A 436 26.68 15.18 25.18
CA THR A 436 27.03 16.56 24.88
C THR A 436 26.59 17.48 26.01
N GLY A 437 25.41 17.19 26.56
CA GLY A 437 24.72 18.12 27.46
C GLY A 437 23.76 19.04 26.71
N HIS A 438 23.62 18.83 25.38
CA HIS A 438 22.79 19.69 24.55
C HIS A 438 21.93 18.86 23.60
N PRO A 439 20.68 19.31 23.33
CA PRO A 439 19.86 18.75 22.28
C PRO A 439 20.62 18.67 20.96
N LEU A 440 20.30 17.69 20.14
CA LEU A 440 20.83 17.64 18.79
C LEU A 440 20.03 18.61 17.93
N VAL A 441 20.63 19.78 17.64
CA VAL A 441 20.06 20.70 16.65
C VAL A 441 20.83 20.55 15.34
N LEU A 442 20.08 20.45 14.24
CA LEU A 442 20.65 20.09 12.93
C LEU A 442 21.13 21.30 12.15
N LYS A 443 22.41 21.26 11.78
CA LYS A 443 23.04 22.23 10.88
C LYS A 443 23.15 21.62 9.47
N GLN A 444 22.97 22.47 8.45
CA GLN A 444 23.29 22.11 7.05
C GLN A 444 24.79 22.44 6.79
N ARG A 445 25.47 21.50 6.15
CA ARG A 445 26.93 21.42 6.13
C ARG A 445 27.60 22.63 5.44
N ILE B 20 31.91 13.69 -16.82
CA ILE B 20 32.20 13.34 -15.38
C ILE B 20 33.13 12.12 -15.27
N MET B 21 34.16 12.24 -14.43
CA MET B 21 35.10 11.15 -14.16
C MET B 21 35.42 11.07 -12.67
N LYS B 22 35.15 9.93 -12.05
CA LYS B 22 35.51 9.70 -10.66
C LYS B 22 36.96 9.26 -10.57
N ILE B 23 37.78 10.08 -9.92
CA ILE B 23 39.19 9.78 -9.75
C ILE B 23 39.53 9.61 -8.29
N LEU B 24 40.40 8.65 -8.01
CA LEU B 24 40.78 8.31 -6.65
C LEU B 24 42.28 8.53 -6.47
N LEU B 25 42.70 8.70 -5.23
CA LEU B 25 44.12 8.79 -4.89
C LEU B 25 44.35 7.90 -3.69
N ILE B 26 45.11 6.83 -3.91
CA ILE B 26 45.31 5.78 -2.92
C ILE B 26 46.80 5.63 -2.62
N GLY B 27 47.10 5.15 -1.42
CA GLY B 27 48.48 4.93 -0.98
C GLY B 27 48.60 5.08 0.53
N ASP B 28 49.75 4.71 1.08
CA ASP B 28 50.01 4.84 2.51
C ASP B 28 49.74 6.26 3.03
N SER B 29 49.48 6.37 4.34
CA SER B 29 49.38 7.69 4.96
C SER B 29 50.72 8.40 4.92
N GLY B 30 50.67 9.71 4.72
CA GLY B 30 51.86 10.53 4.67
C GLY B 30 52.48 10.74 3.31
N VAL B 31 52.03 10.05 2.27
CA VAL B 31 52.72 10.17 0.98
C VAL B 31 52.43 11.48 0.26
N GLY B 32 51.34 12.15 0.61
CA GLY B 32 50.99 13.45 0.01
C GLY B 32 49.78 13.48 -0.91
N LYS B 33 48.89 12.51 -0.75
CA LYS B 33 47.71 12.39 -1.60
C LYS B 33 46.82 13.63 -1.52
N SER B 34 46.60 14.12 -0.31
CA SER B 34 45.73 15.27 -0.11
C SER B 34 46.39 16.58 -0.61
N CYS B 35 47.71 16.68 -0.51
CA CYS B 35 48.42 17.84 -1.06
C CYS B 35 48.36 17.96 -2.57
N LEU B 36 48.64 16.84 -3.24
CA LEU B 36 48.53 16.74 -4.69
C LEU B 36 47.15 17.14 -5.17
N LEU B 37 46.13 16.65 -4.48
CA LEU B 37 44.76 17.01 -4.81
C LEU B 37 44.54 18.52 -4.62
N VAL B 38 44.98 19.05 -3.48
CA VAL B 38 44.78 20.48 -3.20
C VAL B 38 45.59 21.37 -4.15
N ARG B 39 46.82 20.96 -4.48
CA ARG B 39 47.64 21.69 -5.45
C ARG B 39 46.99 21.73 -6.83
N PHE B 40 46.50 20.58 -7.30
CA PHE B 40 45.88 20.52 -8.61
C PHE B 40 44.64 21.41 -8.74
N VAL B 41 43.78 21.41 -7.73
CA VAL B 41 42.50 22.11 -7.82
C VAL B 41 42.59 23.58 -7.38
N GLU B 42 43.26 23.83 -6.26
CA GLU B 42 43.29 25.16 -5.62
C GLU B 42 44.57 25.93 -5.89
N ASP B 43 45.62 25.19 -6.24
CA ASP B 43 46.97 25.73 -6.41
C ASP B 43 47.53 26.21 -5.07
N LYS B 44 47.48 25.33 -4.08
CA LYS B 44 47.97 25.64 -2.73
C LYS B 44 48.71 24.46 -2.11
N PHE B 45 49.68 24.77 -1.26
CA PHE B 45 50.38 23.76 -0.50
C PHE B 45 50.47 24.24 0.93
N ASN B 46 50.15 23.33 1.85
CA ASN B 46 50.24 23.59 3.27
C ASN B 46 51.33 22.68 3.87
N PRO B 47 52.53 23.25 4.13
CA PRO B 47 53.63 22.46 4.72
C PRO B 47 53.43 21.93 6.16
N SER B 48 52.29 22.21 6.78
CA SER B 48 52.13 22.19 8.24
C SER B 48 52.32 20.88 9.02
N PHE B 49 52.84 19.80 8.39
CA PHE B 49 53.06 18.49 9.09
C PHE B 49 51.77 17.76 9.54
N ILE B 50 50.71 18.51 9.85
CA ILE B 50 49.36 17.94 10.04
C ILE B 50 48.89 17.21 8.76
N THR B 51 47.92 16.32 8.93
CA THR B 51 47.08 15.90 7.79
C THR B 51 46.15 17.10 7.51
N THR B 52 45.81 17.31 6.23
CA THR B 52 44.69 18.20 5.92
C THR B 52 43.43 17.36 6.12
N ILE B 53 42.53 17.89 6.94
CA ILE B 53 41.19 17.34 7.11
C ILE B 53 40.20 18.23 6.33
N GLY B 54 38.92 17.88 6.41
CA GLY B 54 37.86 18.67 5.80
C GLY B 54 37.64 18.46 4.31
N ILE B 55 38.43 17.58 3.67
CA ILE B 55 38.29 17.34 2.23
C ILE B 55 37.51 16.08 1.93
N ASP B 56 36.44 16.24 1.16
CA ASP B 56 35.58 15.14 0.75
C ASP B 56 35.91 14.82 -0.71
N PHE B 57 35.51 15.70 -1.61
CA PHE B 57 35.93 15.62 -2.98
C PHE B 57 36.04 17.02 -3.57
N LYS B 58 36.89 17.18 -4.57
CA LYS B 58 36.94 18.42 -5.32
C LYS B 58 36.47 18.14 -6.72
N ILE B 59 36.05 19.21 -7.39
CA ILE B 59 35.67 19.18 -8.79
C ILE B 59 36.64 20.06 -9.58
N LYS B 60 37.02 19.63 -10.77
CA LYS B 60 37.76 20.49 -11.67
C LYS B 60 37.56 20.12 -13.13
N THR B 61 37.31 21.14 -13.94
CA THR B 61 37.19 20.97 -15.37
C THR B 61 38.55 20.87 -16.06
N VAL B 62 38.68 19.83 -16.86
CA VAL B 62 39.87 19.57 -17.64
C VAL B 62 39.48 19.67 -19.10
N ASP B 63 40.43 20.02 -19.96
CA ASP B 63 40.19 20.13 -21.40
C ASP B 63 41.00 19.09 -22.16
N ILE B 64 40.31 18.19 -22.85
CA ILE B 64 40.94 17.08 -23.58
C ILE B 64 40.51 17.04 -25.06
N ASN B 65 41.42 17.49 -25.95
CA ASN B 65 41.17 17.47 -27.40
C ASN B 65 39.83 18.13 -27.77
N GLY B 66 39.62 19.36 -27.29
CA GLY B 66 38.35 20.05 -27.47
C GLY B 66 37.31 19.71 -26.41
N LYS B 67 37.27 18.44 -25.98
CA LYS B 67 36.26 17.95 -25.02
C LYS B 67 36.49 18.48 -23.60
N LYS B 68 35.44 19.05 -23.02
CA LYS B 68 35.44 19.57 -21.66
C LYS B 68 35.02 18.45 -20.70
N VAL B 69 35.96 17.91 -19.94
CA VAL B 69 35.69 16.78 -19.04
C VAL B 69 35.83 17.19 -17.57
N LYS B 70 34.77 16.98 -16.79
CA LYS B 70 34.77 17.31 -15.37
C LYS B 70 35.36 16.16 -14.56
N LEU B 71 36.42 16.43 -13.82
CA LEU B 71 37.00 15.42 -12.95
C LEU B 71 36.37 15.57 -11.58
N GLN B 72 36.07 14.44 -10.96
CA GLN B 72 35.50 14.40 -9.63
C GLN B 72 36.48 13.65 -8.73
N LEU B 73 37.25 14.40 -7.93
CA LEU B 73 38.42 13.86 -7.25
C LEU B 73 38.14 13.60 -5.79
N TRP B 74 38.19 12.33 -5.36
CA TRP B 74 37.77 11.91 -4.02
C TRP B 74 38.92 11.63 -3.07
N ASP B 75 38.89 12.28 -1.90
CA ASP B 75 39.93 12.09 -0.89
C ASP B 75 39.62 10.89 0.00
N THR B 76 40.66 10.19 0.45
CA THR B 76 40.47 9.04 1.32
C THR B 76 40.06 9.43 2.74
N ALA B 77 40.23 10.69 3.11
CA ALA B 77 39.87 11.15 4.46
C ALA B 77 40.58 10.40 5.59
N GLY B 78 41.75 9.83 5.32
CA GLY B 78 42.57 9.22 6.35
C GLY B 78 42.22 7.80 6.68
N GLN B 79 41.32 7.20 5.92
CA GLN B 79 40.84 5.86 6.23
C GLN B 79 41.85 4.80 5.81
N GLU B 80 42.74 5.15 4.88
CA GLU B 80 43.85 4.27 4.49
C GLU B 80 44.78 3.97 5.66
N ARG B 81 44.74 4.84 6.67
CA ARG B 81 45.67 4.76 7.78
C ARG B 81 45.61 3.44 8.54
N PHE B 82 44.42 2.85 8.65
CA PHE B 82 44.31 1.51 9.23
C PHE B 82 43.53 0.54 8.34
N ARG B 83 43.59 0.78 7.02
CA ARG B 83 42.92 -0.04 6.00
C ARG B 83 41.41 -0.16 6.29
N THR B 84 40.77 1.00 6.48
CA THR B 84 39.34 1.04 6.77
C THR B 84 38.60 1.89 5.74
N ILE B 85 38.97 1.76 4.47
CA ILE B 85 38.32 2.53 3.40
C ILE B 85 36.92 2.01 3.04
N THR B 86 35.97 2.93 3.01
CA THR B 86 34.57 2.67 2.68
C THR B 86 34.39 2.20 1.24
N THR B 87 33.50 1.24 1.02
CA THR B 87 33.25 0.72 -0.35
C THR B 87 32.77 1.78 -1.33
N ALA B 88 31.87 2.65 -0.89
CA ALA B 88 31.36 3.74 -1.73
C ALA B 88 32.49 4.56 -2.37
N TYR B 89 33.64 4.60 -1.69
CA TYR B 89 34.81 5.32 -2.20
C TYR B 89 35.23 4.75 -3.54
N TYR B 90 35.48 3.45 -3.55
CA TYR B 90 35.95 2.74 -4.74
C TYR B 90 34.93 2.65 -5.89
N ARG B 91 33.65 2.48 -5.57
CA ARG B 91 32.61 2.20 -6.58
C ARG B 91 32.58 3.18 -7.74
N GLY B 92 32.58 2.65 -8.95
CA GLY B 92 32.40 3.47 -10.15
C GLY B 92 33.56 4.40 -10.44
N ALA B 93 34.73 4.09 -9.89
CA ALA B 93 35.92 4.88 -10.11
C ALA B 93 36.44 4.56 -11.50
N MET B 94 36.74 5.59 -12.28
CA MET B 94 37.27 5.39 -13.64
C MET B 94 38.79 5.45 -13.67
N GLY B 95 39.38 6.27 -12.81
CA GLY B 95 40.84 6.39 -12.71
C GLY B 95 41.32 6.31 -11.27
N ILE B 96 42.43 5.63 -11.04
CA ILE B 96 42.99 5.51 -9.70
C ILE B 96 44.49 5.79 -9.69
N ILE B 97 44.86 6.85 -8.96
CA ILE B 97 46.25 7.27 -8.81
C ILE B 97 46.84 6.58 -7.60
N LEU B 98 47.84 5.71 -7.82
CA LEU B 98 48.55 5.05 -6.71
C LEU B 98 49.78 5.89 -6.36
N VAL B 99 49.93 6.23 -5.08
CA VAL B 99 50.95 7.18 -4.65
C VAL B 99 51.86 6.64 -3.57
N TYR B 100 53.15 6.88 -3.72
CA TYR B 100 54.11 6.60 -2.66
C TYR B 100 55.00 7.79 -2.40
N ASP B 101 55.76 7.71 -1.31
CA ASP B 101 56.68 8.77 -0.87
C ASP B 101 58.10 8.35 -1.27
N VAL B 102 58.77 9.12 -2.14
CA VAL B 102 60.11 8.72 -2.59
C VAL B 102 61.15 8.69 -1.45
N THR B 103 60.86 9.34 -0.33
CA THR B 103 61.75 9.32 0.83
C THR B 103 61.50 8.14 1.80
N ASP B 104 60.43 7.37 1.55
CA ASP B 104 59.98 6.29 2.46
C ASP B 104 59.84 4.96 1.70
N GLU B 105 60.76 4.04 1.92
CA GLU B 105 60.81 2.80 1.16
C GLU B 105 59.56 1.94 1.40
N ARG B 106 59.10 1.89 2.64
CA ARG B 106 57.89 1.14 2.97
C ARG B 106 56.67 1.56 2.13
N THR B 107 56.54 2.85 1.83
CA THR B 107 55.40 3.31 1.03
C THR B 107 55.52 2.85 -0.42
N PHE B 108 56.74 2.53 -0.83
CA PHE B 108 57.02 1.95 -2.15
C PHE B 108 56.69 0.45 -2.13
N THR B 109 57.23 -0.28 -1.16
CA THR B 109 56.99 -1.73 -1.03
C THR B 109 55.51 -2.07 -1.04
N ASN B 110 54.70 -1.26 -0.36
CA ASN B 110 53.26 -1.50 -0.22
C ASN B 110 52.42 -1.23 -1.47
N ILE B 111 53.00 -0.62 -2.51
CA ILE B 111 52.23 -0.32 -3.71
C ILE B 111 51.68 -1.60 -4.34
N LYS B 112 52.49 -2.65 -4.36
CA LYS B 112 52.04 -3.92 -4.92
C LYS B 112 50.80 -4.40 -4.21
N GLN B 113 50.75 -4.18 -2.89
CA GLN B 113 49.60 -4.55 -2.09
C GLN B 113 48.37 -3.68 -2.42
N TRP B 114 48.57 -2.37 -2.52
CA TRP B 114 47.49 -1.46 -2.95
C TRP B 114 46.94 -1.80 -4.33
N PHE B 115 47.83 -2.20 -5.24
CA PHE B 115 47.46 -2.58 -6.59
C PHE B 115 46.47 -3.75 -6.55
N LYS B 116 46.82 -4.77 -5.79
CA LYS B 116 45.98 -5.95 -5.64
C LYS B 116 44.60 -5.54 -5.10
N THR B 117 44.59 -4.75 -4.04
CA THR B 117 43.37 -4.30 -3.38
C THR B 117 42.46 -3.52 -4.33
N VAL B 118 43.02 -2.51 -4.97
CA VAL B 118 42.26 -1.65 -5.87
C VAL B 118 41.62 -2.45 -7.01
N ASN B 119 42.34 -3.44 -7.51
CA ASN B 119 41.84 -4.27 -8.60
C ASN B 119 40.68 -5.20 -8.21
N GLU B 120 40.59 -5.54 -6.92
CA GLU B 120 39.42 -6.23 -6.41
C GLU B 120 38.21 -5.30 -6.39
N HIS B 121 38.36 -4.17 -5.69
CA HIS B 121 37.24 -3.26 -5.40
C HIS B 121 36.74 -2.44 -6.61
N ALA B 122 37.67 -1.94 -7.44
CA ALA B 122 37.32 -1.22 -8.67
C ALA B 122 36.87 -2.17 -9.80
N ASN B 123 37.04 -3.47 -9.56
CA ASN B 123 36.55 -4.53 -10.46
C ASN B 123 37.22 -4.48 -11.85
N ASP B 124 38.51 -4.12 -11.83
CA ASP B 124 39.38 -4.17 -13.03
C ASP B 124 38.98 -3.25 -14.21
N GLU B 125 38.02 -2.35 -14.02
CA GLU B 125 37.60 -1.44 -15.09
C GLU B 125 38.32 -0.10 -15.06
N ALA B 126 38.94 0.20 -13.91
CA ALA B 126 39.62 1.47 -13.69
C ALA B 126 41.00 1.49 -14.33
N GLN B 127 41.40 2.67 -14.80
CA GLN B 127 42.75 2.90 -15.30
C GLN B 127 43.65 3.37 -14.14
N LEU B 128 44.72 2.63 -13.87
CA LEU B 128 45.65 3.01 -12.81
C LEU B 128 46.82 3.86 -13.31
N LEU B 129 47.53 4.46 -12.36
CA LEU B 129 48.68 5.31 -12.66
C LEU B 129 49.54 5.47 -11.41
N LEU B 130 50.85 5.30 -11.54
CA LEU B 130 51.76 5.32 -10.39
C LEU B 130 52.45 6.67 -10.26
N VAL B 131 52.46 7.19 -9.04
CA VAL B 131 53.01 8.51 -8.75
C VAL B 131 53.99 8.45 -7.58
N GLY B 132 55.24 8.84 -7.85
CA GLY B 132 56.26 9.00 -6.81
C GLY B 132 56.27 10.45 -6.38
N ASN B 133 55.80 10.72 -5.16
CA ASN B 133 55.66 12.09 -4.66
C ASN B 133 56.82 12.55 -3.80
N LYS B 134 56.93 13.86 -3.64
CA LYS B 134 58.00 14.51 -2.89
C LYS B 134 59.33 14.32 -3.62
N SER B 135 59.30 14.54 -4.93
CA SER B 135 60.52 14.46 -5.75
C SER B 135 61.49 15.62 -5.48
N ASP B 136 61.00 16.65 -4.79
CA ASP B 136 61.83 17.78 -4.36
C ASP B 136 62.80 17.45 -3.24
N MET B 137 62.49 16.49 -2.38
CA MET B 137 63.33 16.19 -1.22
C MET B 137 64.68 15.61 -1.62
N GLU B 138 65.71 15.97 -0.85
CA GLU B 138 67.09 15.46 -1.01
C GLU B 138 67.29 14.19 -0.19
N THR B 139 66.35 13.89 0.70
CA THR B 139 66.41 12.67 1.51
C THR B 139 65.78 11.46 0.78
N ARG B 140 65.74 11.53 -0.55
CA ARG B 140 65.23 10.47 -1.41
C ARG B 140 65.91 9.11 -1.16
N VAL B 141 65.12 8.04 -1.17
CA VAL B 141 65.65 6.67 -1.06
C VAL B 141 65.14 5.71 -2.16
N VAL B 142 64.24 6.17 -3.02
CA VAL B 142 63.76 5.42 -4.18
C VAL B 142 64.03 6.22 -5.45
N THR B 143 64.82 5.66 -6.37
CA THR B 143 65.19 6.39 -7.59
C THR B 143 64.01 6.48 -8.57
N ALA B 144 64.14 7.34 -9.57
CA ALA B 144 63.12 7.48 -10.60
C ALA B 144 63.06 6.23 -11.47
N ASP B 145 64.20 5.55 -11.62
CA ASP B 145 64.30 4.35 -12.44
C ASP B 145 63.62 3.17 -11.75
N GLN B 146 63.86 3.03 -10.45
CA GLN B 146 63.15 2.05 -9.62
C GLN B 146 61.64 2.15 -9.81
N GLY B 147 61.13 3.38 -9.79
CA GLY B 147 59.71 3.65 -9.94
C GLY B 147 59.13 3.22 -11.27
N GLU B 148 59.91 3.35 -12.35
CA GLU B 148 59.47 2.90 -13.67
C GLU B 148 59.52 1.38 -13.82
N ALA B 149 60.50 0.75 -13.18
CA ALA B 149 60.59 -0.71 -13.14
C ALA B 149 59.28 -1.30 -12.62
N LEU B 150 58.81 -0.76 -11.50
CA LEU B 150 57.56 -1.20 -10.89
C LEU B 150 56.36 -0.80 -11.74
N ALA B 151 56.37 0.42 -12.27
CA ALA B 151 55.28 0.88 -13.12
C ALA B 151 55.13 -0.03 -14.33
N LYS B 152 56.26 -0.34 -14.96
CA LYS B 152 56.29 -1.23 -16.12
C LYS B 152 55.82 -2.63 -15.75
N GLU B 153 56.30 -3.11 -14.60
CA GLU B 153 55.94 -4.43 -14.09
C GLU B 153 54.42 -4.59 -13.93
N LEU B 154 53.74 -3.50 -13.57
CA LEU B 154 52.30 -3.51 -13.27
C LEU B 154 51.42 -3.15 -14.48
N GLY B 155 52.04 -2.66 -15.54
CA GLY B 155 51.30 -2.27 -16.75
C GLY B 155 50.66 -0.90 -16.73
N ILE B 156 51.24 0.04 -16.00
CA ILE B 156 50.64 1.36 -15.81
C ILE B 156 51.70 2.48 -15.92
N PRO B 157 51.28 3.67 -16.37
CA PRO B 157 52.23 4.78 -16.56
C PRO B 157 52.82 5.32 -15.26
N PHE B 158 53.88 6.14 -15.37
CA PHE B 158 54.61 6.63 -14.21
C PHE B 158 54.85 8.13 -14.30
N ILE B 159 54.65 8.82 -13.17
CA ILE B 159 54.99 10.24 -13.08
C ILE B 159 55.66 10.50 -11.75
N GLU B 160 56.70 11.33 -11.78
CA GLU B 160 57.40 11.72 -10.57
C GLU B 160 57.05 13.17 -10.27
N SER B 161 56.34 13.36 -9.16
CA SER B 161 55.74 14.65 -8.84
C SER B 161 56.25 15.27 -7.54
N SER B 162 55.99 16.56 -7.40
CA SER B 162 56.08 17.24 -6.10
C SER B 162 54.93 18.20 -5.93
N ALA B 163 54.07 17.92 -4.96
CA ALA B 163 52.96 18.81 -4.63
C ALA B 163 53.49 20.13 -4.03
N LYS B 164 54.60 20.07 -3.32
CA LYS B 164 55.22 21.25 -2.71
C LYS B 164 55.70 22.24 -3.74
N ASN B 165 56.39 21.74 -4.77
CA ASN B 165 57.00 22.59 -5.79
C ASN B 165 56.22 22.65 -7.10
N ASP B 166 55.11 21.92 -7.20
CA ASP B 166 54.31 21.84 -8.41
C ASP B 166 55.10 21.20 -9.58
N ASP B 167 55.84 20.14 -9.28
CA ASP B 167 56.58 19.40 -10.31
C ASP B 167 55.68 18.29 -10.89
N ASN B 168 55.27 18.47 -12.14
CA ASN B 168 54.46 17.48 -12.86
C ASN B 168 53.24 17.01 -12.08
N VAL B 169 52.45 17.94 -11.55
CA VAL B 169 51.23 17.58 -10.84
C VAL B 169 50.08 17.57 -11.82
N ASN B 170 49.99 18.62 -12.62
CA ASN B 170 48.98 18.66 -13.68
C ASN B 170 49.09 17.44 -14.58
N GLU B 171 50.30 17.13 -15.03
CA GLU B 171 50.54 15.99 -15.92
C GLU B 171 49.90 14.69 -15.38
N ILE B 172 49.90 14.49 -14.05
CA ILE B 172 49.26 13.33 -13.43
C ILE B 172 47.82 13.21 -13.88
N PHE B 173 47.08 14.29 -13.69
CA PHE B 173 45.64 14.28 -13.89
C PHE B 173 45.25 14.32 -15.36
N PHE B 174 45.98 15.08 -16.17
CA PHE B 174 45.74 15.10 -17.61
C PHE B 174 46.06 13.74 -18.25
N THR B 175 47.16 13.12 -17.86
CA THR B 175 47.53 11.81 -18.39
C THR B 175 46.44 10.77 -18.12
N LEU B 176 45.90 10.78 -16.90
CA LEU B 176 44.89 9.82 -16.50
C LEU B 176 43.56 10.11 -17.19
N ALA B 177 43.16 11.37 -17.23
CA ALA B 177 41.92 11.77 -17.92
C ALA B 177 41.96 11.37 -19.37
N LYS B 178 43.12 11.54 -20.01
CA LYS B 178 43.28 11.29 -21.44
C LYS B 178 43.14 9.81 -21.76
N LEU B 179 43.77 8.95 -20.97
CA LEU B 179 43.64 7.50 -21.15
C LEU B 179 42.19 7.04 -21.01
N ILE B 180 41.46 7.62 -20.06
CA ILE B 180 40.08 7.23 -19.78
C ILE B 180 39.17 7.59 -20.93
N GLN B 181 39.37 8.78 -21.51
CA GLN B 181 38.57 9.23 -22.65
C GLN B 181 38.89 8.41 -23.91
N GLU B 182 40.15 8.01 -24.06
CA GLU B 182 40.59 7.09 -25.12
C GLU B 182 39.72 5.83 -25.12
N LYS B 183 39.49 5.25 -23.93
CA LYS B 183 38.68 4.03 -23.81
C LYS B 183 37.19 4.27 -24.01
N ILE B 184 36.67 5.39 -23.51
CA ILE B 184 35.27 5.76 -23.73
C ILE B 184 35.02 5.91 -25.23
N ASP B 185 35.91 6.68 -25.88
CA ASP B 185 35.77 7.05 -27.29
C ASP B 185 35.93 5.87 -28.27
N SER B 186 36.76 4.89 -27.91
CA SER B 186 36.94 3.72 -28.76
C SER B 186 35.88 2.63 -28.50
N ASN B 187 34.96 2.88 -27.56
CA ASN B 187 33.88 1.94 -27.26
C ASN B 187 32.55 2.41 -27.79
N LYS B 188 32.54 3.54 -28.48
CA LYS B 188 31.33 4.03 -29.10
C LYS B 188 31.01 3.20 -30.34
N LEU B 189 29.75 2.78 -30.46
CA LEU B 189 29.30 2.10 -31.66
C LEU B 189 29.38 3.08 -32.82
N VAL B 190 29.80 2.58 -33.98
CA VAL B 190 29.96 3.40 -35.15
C VAL B 190 28.63 3.53 -35.89
N GLY B 191 28.28 4.75 -36.27
CA GLY B 191 27.08 5.02 -37.05
C GLY B 191 27.30 4.71 -38.51
N VAL B 192 27.31 3.42 -38.84
CA VAL B 192 27.56 2.97 -40.20
C VAL B 192 26.37 3.36 -41.08
N GLY B 193 25.16 3.15 -40.56
CA GLY B 193 23.89 3.58 -41.19
C GLY B 193 23.92 5.01 -41.75
N ASN B 194 23.80 6.03 -40.89
CA ASN B 194 24.01 7.43 -41.33
C ASN B 194 25.50 7.77 -41.44
N ASP C 7 -47.49 4.76 22.67
CA ASP C 7 -47.89 6.20 22.71
C ASP C 7 -49.19 6.49 21.96
N THR C 8 -49.54 5.65 20.99
CA THR C 8 -50.81 5.74 20.23
C THR C 8 -50.92 6.94 19.24
N ASP C 9 -50.45 8.13 19.62
CA ASP C 9 -50.56 9.34 18.79
C ASP C 9 -49.36 9.54 17.83
N TYR C 10 -49.54 9.12 16.57
CA TYR C 10 -48.47 9.15 15.55
C TYR C 10 -48.84 9.94 14.30
N ASP C 11 -47.82 10.19 13.47
CA ASP C 11 -48.00 10.80 12.15
C ASP C 11 -48.18 9.71 11.08
N VAL C 12 -47.52 8.57 11.25
CA VAL C 12 -47.59 7.46 10.30
C VAL C 12 -47.38 6.10 10.94
N ILE C 13 -48.10 5.12 10.43
CA ILE C 13 -47.82 3.71 10.69
C ILE C 13 -47.28 3.13 9.40
N VAL C 14 -46.43 2.12 9.50
CA VAL C 14 -45.89 1.44 8.34
C VAL C 14 -45.85 -0.06 8.58
N LEU C 15 -46.67 -0.81 7.84
CA LEU C 15 -46.69 -2.26 7.98
C LEU C 15 -45.69 -2.83 7.00
N GLY C 16 -44.79 -3.70 7.48
CA GLY C 16 -43.80 -4.36 6.61
C GLY C 16 -42.41 -3.73 6.65
N THR C 17 -41.39 -4.59 6.65
CA THR C 17 -40.00 -4.15 6.58
C THR C 17 -39.39 -4.51 5.22
N GLY C 18 -40.19 -4.33 4.17
CA GLY C 18 -39.73 -4.48 2.80
C GLY C 18 -38.89 -3.28 2.40
N ILE C 19 -38.03 -3.48 1.41
CA ILE C 19 -37.06 -2.46 1.03
C ILE C 19 -37.75 -1.10 0.78
N THR C 20 -38.89 -1.12 0.08
CA THR C 20 -39.67 0.09 -0.20
C THR C 20 -40.14 0.75 1.08
N GLU C 21 -40.72 -0.06 1.97
CA GLU C 21 -41.28 0.43 3.23
C GLU C 21 -40.21 1.11 4.08
N CYS C 22 -39.08 0.45 4.24
CA CYS C 22 -37.99 0.99 5.06
C CYS C 22 -37.50 2.34 4.51
N ILE C 23 -37.26 2.40 3.21
CA ILE C 23 -36.83 3.63 2.55
C ILE C 23 -37.81 4.77 2.83
N LEU C 24 -39.09 4.44 2.76
CA LEU C 24 -40.15 5.42 2.97
C LEU C 24 -40.23 5.91 4.40
N SER C 25 -40.22 4.98 5.36
CA SER C 25 -40.30 5.34 6.77
C SER C 25 -39.12 6.22 7.14
N GLY C 26 -37.94 5.87 6.63
CA GLY C 26 -36.74 6.66 6.83
C GLY C 26 -36.88 8.08 6.33
N LEU C 27 -37.35 8.24 5.10
CA LEU C 27 -37.48 9.57 4.47
C LEU C 27 -38.35 10.49 5.30
N LEU C 28 -39.45 9.92 5.80
CA LEU C 28 -40.37 10.62 6.69
C LEU C 28 -39.76 10.84 8.08
N SER C 29 -39.03 9.85 8.59
CA SER C 29 -38.35 9.98 9.89
C SER C 29 -37.39 11.17 9.90
N VAL C 30 -36.65 11.37 8.81
CA VAL C 30 -35.72 12.51 8.72
C VAL C 30 -36.46 13.78 8.35
N ASP C 31 -37.69 13.62 7.89
CA ASP C 31 -38.61 14.73 7.62
C ASP C 31 -39.16 15.36 8.91
N GLY C 32 -38.85 14.76 10.07
CA GLY C 32 -39.27 15.26 11.38
C GLY C 32 -40.49 14.56 11.97
N LYS C 33 -41.01 13.54 11.28
CA LYS C 33 -42.28 12.90 11.64
C LYS C 33 -42.08 11.65 12.49
N LYS C 34 -42.94 11.50 13.49
CA LYS C 34 -42.97 10.29 14.32
C LYS C 34 -43.51 9.14 13.48
N VAL C 35 -42.93 7.96 13.62
CA VAL C 35 -43.30 6.83 12.78
C VAL C 35 -43.28 5.52 13.56
N LEU C 36 -44.25 4.65 13.29
CA LEU C 36 -44.30 3.31 13.89
C LEU C 36 -44.23 2.24 12.81
N HIS C 37 -43.10 1.54 12.76
CA HIS C 37 -42.89 0.48 11.78
C HIS C 37 -43.29 -0.83 12.47
N ILE C 38 -44.20 -1.58 11.84
CA ILE C 38 -44.69 -2.84 12.42
C ILE C 38 -44.53 -3.94 11.38
N ASP C 39 -44.31 -5.18 11.81
CA ASP C 39 -44.21 -6.30 10.87
C ASP C 39 -44.58 -7.63 11.50
N LYS C 40 -45.40 -8.39 10.76
CA LYS C 40 -45.96 -9.66 11.23
C LYS C 40 -44.92 -10.77 11.39
N GLN C 41 -43.83 -10.69 10.62
CA GLN C 41 -42.83 -11.77 10.56
C GLN C 41 -41.72 -11.53 11.58
N ASP C 42 -41.15 -12.62 12.10
CA ASP C 42 -40.03 -12.50 13.04
C ASP C 42 -38.86 -11.73 12.41
N HIS C 43 -38.47 -12.13 11.20
CA HIS C 43 -37.34 -11.49 10.48
C HIS C 43 -37.73 -10.26 9.64
N TYR C 44 -36.72 -9.47 9.32
CA TYR C 44 -36.85 -8.32 8.42
C TYR C 44 -37.09 -8.77 6.97
N GLY C 45 -37.40 -7.80 6.11
CA GLY C 45 -37.38 -8.02 4.66
C GLY C 45 -38.69 -7.85 3.90
N GLY C 46 -39.81 -8.14 4.56
CA GLY C 46 -41.12 -8.18 3.89
C GLY C 46 -41.24 -9.47 3.10
N GLU C 47 -41.50 -9.35 1.80
CA GLU C 47 -41.53 -10.51 0.90
C GLU C 47 -40.15 -10.96 0.41
N ALA C 48 -39.21 -10.01 0.32
CA ALA C 48 -37.84 -10.24 -0.16
C ALA C 48 -36.81 -10.16 0.96
N ALA C 49 -36.91 -11.07 1.93
CA ALA C 49 -35.96 -11.13 3.02
C ALA C 49 -34.65 -11.78 2.57
N SER C 50 -33.62 -11.63 3.40
CA SER C 50 -32.34 -12.33 3.20
C SER C 50 -32.32 -13.54 4.13
N VAL C 51 -31.91 -14.69 3.61
CA VAL C 51 -31.95 -15.94 4.35
C VAL C 51 -30.58 -16.61 4.37
N THR C 52 -30.36 -17.53 5.31
CA THR C 52 -29.14 -18.35 5.29
C THR C 52 -29.34 -19.51 4.33
N LEU C 53 -28.29 -20.29 4.10
CA LEU C 53 -28.34 -21.43 3.18
C LEU C 53 -29.28 -22.53 3.70
N SER C 54 -29.32 -22.71 5.02
CA SER C 54 -30.27 -23.64 5.64
C SER C 54 -31.70 -23.15 5.44
N GLN C 55 -31.96 -21.89 5.77
CA GLN C 55 -33.28 -21.28 5.56
C GLN C 55 -33.70 -21.42 4.11
N LEU C 56 -32.75 -21.22 3.19
CA LEU C 56 -33.00 -21.37 1.74
C LEU C 56 -33.39 -22.81 1.41
N TYR C 57 -32.61 -23.77 1.91
CA TYR C 57 -32.94 -25.19 1.71
C TYR C 57 -34.32 -25.54 2.25
N GLU C 58 -34.77 -24.85 3.30
CA GLU C 58 -36.13 -25.06 3.84
C GLU C 58 -37.17 -24.55 2.86
N LYS C 59 -37.06 -23.27 2.52
CA LYS C 59 -38.11 -22.57 1.79
C LYS C 59 -38.12 -22.83 0.28
N PHE C 60 -37.42 -23.88 -0.19
CA PHE C 60 -37.38 -24.21 -1.63
C PHE C 60 -37.26 -25.71 -1.93
N LYS C 61 -36.36 -26.41 -1.25
CA LYS C 61 -36.25 -27.87 -1.41
C LYS C 61 -37.24 -28.59 -0.49
N GLN C 62 -37.98 -29.52 -1.07
CA GLN C 62 -39.08 -30.21 -0.38
C GLN C 62 -38.60 -31.06 0.79
N ASN C 63 -37.52 -31.80 0.57
CA ASN C 63 -36.88 -32.61 1.63
C ASN C 63 -35.39 -32.23 1.76
N PRO C 64 -35.09 -31.19 2.57
CA PRO C 64 -33.73 -30.66 2.71
C PRO C 64 -32.67 -31.73 2.99
N ILE C 65 -31.42 -31.45 2.63
CA ILE C 65 -30.29 -32.33 2.97
C ILE C 65 -29.75 -31.98 4.36
N SER C 66 -28.87 -32.83 4.88
CA SER C 66 -28.44 -32.74 6.27
C SER C 66 -27.47 -31.59 6.54
N LYS C 67 -27.22 -31.33 7.82
CA LYS C 67 -26.25 -30.32 8.26
C LYS C 67 -24.80 -30.81 8.07
N GLU C 68 -24.60 -32.13 7.97
CA GLU C 68 -23.25 -32.70 7.72
C GLU C 68 -22.81 -32.52 6.27
N GLU C 69 -23.76 -32.70 5.34
CA GLU C 69 -23.52 -32.48 3.90
C GLU C 69 -23.41 -31.01 3.52
N ARG C 70 -24.30 -30.19 4.10
CA ARG C 70 -24.35 -28.76 3.79
C ARG C 70 -23.13 -27.95 4.29
N GLU C 71 -22.26 -28.57 5.08
CA GLU C 71 -21.05 -27.90 5.56
C GLU C 71 -19.77 -28.46 4.90
N SER C 72 -19.78 -29.74 4.54
CA SER C 72 -18.66 -30.34 3.81
C SER C 72 -18.69 -29.96 2.32
N LYS C 73 -19.76 -29.30 1.88
CA LYS C 73 -19.85 -28.77 0.52
C LYS C 73 -19.86 -27.24 0.46
N PHE C 74 -20.58 -26.60 1.39
CA PHE C 74 -20.84 -25.15 1.31
C PHE C 74 -20.28 -24.32 2.48
N GLY C 75 -20.33 -24.85 3.69
CA GLY C 75 -19.76 -24.18 4.87
C GLY C 75 -20.78 -23.59 5.83
N LYS C 76 -20.29 -22.86 6.84
CA LYS C 76 -21.13 -22.34 7.92
C LYS C 76 -22.07 -21.23 7.44
N ASP C 77 -23.26 -21.17 8.02
CA ASP C 77 -24.33 -20.28 7.56
C ASP C 77 -24.15 -18.79 7.85
N ARG C 78 -23.21 -18.43 8.73
CA ARG C 78 -22.87 -17.01 8.96
C ARG C 78 -22.23 -16.39 7.70
N ASP C 79 -21.65 -17.25 6.86
CA ASP C 79 -21.06 -16.84 5.58
C ASP C 79 -22.12 -16.48 4.52
N TRP C 80 -23.28 -17.15 4.59
CA TRP C 80 -24.33 -17.03 3.58
C TRP C 80 -25.43 -16.05 3.98
N ASN C 81 -25.63 -15.03 3.14
CA ASN C 81 -26.67 -14.01 3.32
C ASN C 81 -27.50 -13.81 2.04
N VAL C 82 -27.93 -14.94 1.48
CA VAL C 82 -28.69 -15.02 0.22
C VAL C 82 -29.93 -14.14 0.20
N ASP C 83 -29.89 -13.05 -0.56
CA ASP C 83 -31.09 -12.27 -0.87
C ASP C 83 -32.02 -13.12 -1.73
N LEU C 84 -33.33 -12.89 -1.61
CA LEU C 84 -34.32 -13.60 -2.43
C LEU C 84 -34.66 -12.77 -3.68
N ILE C 85 -34.61 -11.45 -3.53
CA ILE C 85 -34.72 -10.50 -4.65
C ILE C 85 -33.46 -9.65 -4.69
N PRO C 86 -32.36 -10.19 -5.24
CA PRO C 86 -31.16 -9.40 -5.41
C PRO C 86 -31.37 -8.36 -6.50
N LYS C 87 -30.92 -7.13 -6.26
CA LYS C 87 -31.05 -6.07 -7.23
C LYS C 87 -29.92 -5.06 -7.05
N PHE C 88 -29.26 -4.68 -8.16
CA PHE C 88 -28.12 -3.77 -8.10
C PHE C 88 -28.57 -2.33 -8.14
N LEU C 89 -27.68 -1.44 -7.74
CA LEU C 89 -28.02 -0.03 -7.55
C LEU C 89 -27.15 0.85 -8.46
N MET C 90 -27.79 1.65 -9.31
CA MET C 90 -27.09 2.50 -10.26
C MET C 90 -26.29 3.55 -9.50
N ALA C 91 -24.97 3.38 -9.47
CA ALA C 91 -24.05 4.22 -8.67
C ALA C 91 -24.47 5.68 -8.51
N ASN C 92 -24.69 6.39 -9.62
CA ASN C 92 -25.04 7.82 -9.58
C ASN C 92 -26.53 8.06 -9.74
N GLY C 93 -27.31 7.00 -9.62
CA GLY C 93 -28.76 7.05 -9.76
C GLY C 93 -29.47 7.73 -8.59
N GLU C 94 -30.79 7.70 -8.62
CA GLU C 94 -31.56 8.39 -7.59
C GLU C 94 -31.58 7.66 -6.25
N LEU C 95 -31.76 6.34 -6.26
CA LEU C 95 -31.83 5.57 -5.02
C LEU C 95 -30.56 5.74 -4.17
N THR C 96 -29.40 5.74 -4.82
CA THR C 96 -28.12 6.00 -4.15
C THR C 96 -28.06 7.39 -3.53
N ASN C 97 -28.74 8.37 -4.10
CA ASN C 97 -28.81 9.70 -3.49
C ASN C 97 -29.86 9.80 -2.39
N ILE C 98 -30.91 8.99 -2.50
CA ILE C 98 -31.93 8.85 -1.48
C ILE C 98 -31.31 8.26 -0.22
N LEU C 99 -30.72 7.07 -0.37
CA LEU C 99 -30.03 6.39 0.72
C LEU C 99 -29.00 7.30 1.40
N ILE C 100 -28.30 8.15 0.64
CA ILE C 100 -27.36 9.13 1.23
C ILE C 100 -28.09 10.15 2.11
N HIS C 101 -29.14 10.74 1.57
CA HIS C 101 -29.96 11.71 2.30
C HIS C 101 -30.46 11.13 3.63
N THR C 102 -30.98 9.90 3.60
CA THR C 102 -31.50 9.27 4.81
C THR C 102 -30.39 9.14 5.84
N ASP C 103 -29.17 8.85 5.38
CA ASP C 103 -27.96 8.69 6.21
C ASP C 103 -27.82 7.26 6.73
N VAL C 104 -28.59 6.34 6.15
CA VAL C 104 -28.50 4.90 6.42
C VAL C 104 -27.16 4.34 5.96
N THR C 105 -26.46 5.10 5.13
CA THR C 105 -25.18 4.70 4.56
C THR C 105 -24.00 4.93 5.51
N ARG C 106 -24.26 5.29 6.76
CA ARG C 106 -23.21 5.20 7.75
C ARG C 106 -23.27 3.84 8.45
N TYR C 107 -24.37 3.13 8.28
CA TYR C 107 -24.56 1.79 8.86
C TYR C 107 -24.48 0.71 7.78
N VAL C 108 -24.93 1.03 6.57
CA VAL C 108 -24.80 0.12 5.42
C VAL C 108 -23.76 0.65 4.45
N ASP C 109 -23.07 -0.25 3.76
CA ASP C 109 -22.00 0.14 2.85
C ASP C 109 -22.00 -0.73 1.60
N PHE C 110 -21.46 -0.17 0.51
CA PHE C 110 -21.56 -0.76 -0.82
C PHE C 110 -20.22 -0.94 -1.51
N LYS C 111 -20.14 -2.01 -2.32
CA LYS C 111 -19.01 -2.25 -3.20
C LYS C 111 -19.49 -2.39 -4.64
N GLN C 112 -18.68 -1.94 -5.58
CA GLN C 112 -18.96 -2.04 -7.01
C GLN C 112 -19.18 -3.48 -7.45
N VAL C 113 -20.09 -3.66 -8.40
CA VAL C 113 -20.22 -4.92 -9.11
C VAL C 113 -19.17 -4.87 -10.21
N SER C 114 -18.52 -6.00 -10.48
CA SER C 114 -17.35 -5.97 -11.34
C SER C 114 -17.70 -5.88 -12.82
N GLY C 115 -18.57 -6.76 -13.30
CA GLY C 115 -18.96 -6.77 -14.71
C GLY C 115 -20.33 -6.16 -14.97
N SER C 116 -20.59 -5.86 -16.24
CA SER C 116 -21.94 -5.59 -16.76
C SER C 116 -21.99 -6.10 -18.19
N TYR C 117 -22.58 -7.28 -18.38
CA TYR C 117 -22.56 -7.94 -19.67
C TYR C 117 -23.91 -7.86 -20.37
N VAL C 118 -23.93 -8.28 -21.64
CA VAL C 118 -25.14 -8.35 -22.44
C VAL C 118 -25.07 -9.55 -23.37
N PHE C 119 -26.23 -10.10 -23.68
CA PHE C 119 -26.35 -11.35 -24.42
C PHE C 119 -26.55 -11.09 -25.92
N LYS C 120 -26.00 -11.98 -26.74
CA LYS C 120 -26.18 -11.92 -28.17
C LYS C 120 -25.86 -13.24 -28.84
N GLN C 121 -26.88 -13.84 -29.45
CA GLN C 121 -26.77 -15.06 -30.23
C GLN C 121 -25.94 -16.14 -29.55
N GLY C 122 -26.24 -16.38 -28.28
CA GLY C 122 -25.69 -17.53 -27.55
C GLY C 122 -24.41 -17.27 -26.77
N LYS C 123 -23.96 -16.02 -26.73
CA LYS C 123 -22.71 -15.64 -26.04
C LYS C 123 -22.91 -14.30 -25.32
N ILE C 124 -22.08 -14.04 -24.31
CA ILE C 124 -22.18 -12.79 -23.53
C ILE C 124 -20.99 -11.86 -23.76
N TYR C 125 -21.19 -10.56 -23.56
CA TYR C 125 -20.23 -9.55 -23.95
C TYR C 125 -20.23 -8.40 -22.96
N LYS C 126 -19.04 -7.97 -22.52
CA LYS C 126 -18.92 -6.73 -21.78
C LYS C 126 -19.68 -5.62 -22.51
N VAL C 127 -20.49 -4.88 -21.78
CA VAL C 127 -21.17 -3.72 -22.32
C VAL C 127 -20.16 -2.58 -22.35
N PRO C 128 -19.84 -2.03 -23.52
CA PRO C 128 -18.89 -0.94 -23.63
C PRO C 128 -19.30 0.34 -22.93
N ALA C 129 -18.42 0.86 -22.08
CA ALA C 129 -18.71 1.99 -21.20
C ALA C 129 -18.41 3.37 -21.79
N ASN C 130 -17.54 3.45 -22.79
CA ASN C 130 -17.09 4.75 -23.32
C ASN C 130 -16.45 4.64 -24.72
N GLU C 131 -16.01 5.78 -25.26
CA GLU C 131 -15.34 5.82 -26.58
C GLU C 131 -14.24 4.80 -26.78
N ILE C 132 -13.27 4.78 -25.86
CA ILE C 132 -12.11 3.90 -25.99
C ILE C 132 -12.54 2.45 -26.00
N GLU C 133 -13.47 2.09 -25.13
CA GLU C 133 -13.95 0.70 -25.03
C GLU C 133 -14.79 0.26 -26.21
N ALA C 134 -15.52 1.20 -26.81
CA ALA C 134 -16.39 0.91 -27.95
C ALA C 134 -15.61 0.36 -29.13
N ILE C 135 -14.56 1.08 -29.53
CA ILE C 135 -13.79 0.74 -30.73
C ILE C 135 -12.93 -0.51 -30.55
N SER C 136 -12.90 -1.05 -29.34
CA SER C 136 -12.19 -2.30 -29.06
C SER C 136 -13.12 -3.47 -28.75
N SER C 137 -14.44 -3.25 -28.76
CA SER C 137 -15.38 -4.25 -28.29
C SER C 137 -15.68 -5.35 -29.31
N PRO C 138 -15.73 -6.63 -28.88
CA PRO C 138 -16.15 -7.73 -29.77
C PRO C 138 -17.65 -7.79 -30.09
N LEU C 139 -18.43 -6.93 -29.45
CA LEU C 139 -19.89 -6.93 -29.57
C LEU C 139 -20.39 -6.50 -30.95
N MET C 140 -19.65 -5.59 -31.59
CA MET C 140 -20.03 -4.97 -32.84
C MET C 140 -18.96 -5.21 -33.90
N GLY C 141 -19.29 -4.92 -35.16
CA GLY C 141 -18.34 -5.03 -36.26
C GLY C 141 -17.54 -3.76 -36.41
N ILE C 142 -16.32 -3.90 -36.92
CA ILE C 142 -15.39 -2.77 -37.20
C ILE C 142 -16.13 -1.47 -37.60
N PHE C 143 -17.03 -1.56 -38.57
CA PHE C 143 -17.70 -0.38 -39.10
C PHE C 143 -18.77 0.14 -38.14
N GLU C 144 -19.50 -0.77 -37.49
CA GLU C 144 -20.47 -0.39 -36.46
C GLU C 144 -19.77 0.33 -35.31
N LYS C 145 -18.87 -0.39 -34.64
CA LYS C 145 -17.99 0.17 -33.60
C LYS C 145 -17.65 1.64 -33.83
N ARG C 146 -17.16 1.93 -35.04
CA ARG C 146 -16.63 3.25 -35.34
C ARG C 146 -17.74 4.29 -35.36
N ARG C 147 -18.93 3.90 -35.80
CA ARG C 147 -20.12 4.77 -35.73
C ARG C 147 -20.60 4.94 -34.29
N MET C 148 -20.66 3.84 -33.55
CA MET C 148 -20.99 3.81 -32.13
C MET C 148 -20.13 4.78 -31.29
N LYS C 149 -18.87 4.92 -31.67
CA LYS C 149 -17.97 5.84 -30.98
C LYS C 149 -18.46 7.27 -31.11
N LYS C 150 -18.95 7.64 -32.29
CA LYS C 150 -19.43 9.01 -32.53
C LYS C 150 -20.72 9.30 -31.77
N PHE C 151 -21.54 8.27 -31.60
CA PHE C 151 -22.74 8.35 -30.77
C PHE C 151 -22.37 8.72 -29.35
N LEU C 152 -21.41 7.99 -28.79
CA LEU C 152 -20.94 8.23 -27.43
C LEU C 152 -20.17 9.54 -27.27
N GLU C 153 -19.52 10.03 -28.33
CA GLU C 153 -18.86 11.35 -28.28
C GLU C 153 -19.89 12.45 -28.12
N TRP C 154 -20.97 12.33 -28.90
CA TRP C 154 -22.13 13.22 -28.85
C TRP C 154 -22.78 13.21 -27.46
N ILE C 155 -23.06 12.01 -26.94
CA ILE C 155 -23.62 11.85 -25.59
C ILE C 155 -22.86 12.67 -24.55
N SER C 156 -21.54 12.70 -24.67
CA SER C 156 -20.68 13.36 -23.69
C SER C 156 -20.39 14.82 -23.99
N SER C 157 -20.44 15.22 -25.26
CA SER C 157 -20.12 16.59 -25.65
C SER C 157 -21.37 17.44 -25.93
N TYR C 158 -22.53 16.81 -25.87
CA TYR C 158 -23.79 17.53 -26.00
C TYR C 158 -23.99 18.40 -24.78
N LYS C 159 -24.30 19.67 -25.00
CA LYS C 159 -24.58 20.65 -23.94
C LYS C 159 -25.94 21.31 -24.19
N GLU C 160 -26.88 21.17 -23.27
CA GLU C 160 -28.22 21.73 -23.45
C GLU C 160 -28.20 23.20 -23.89
N ASP C 161 -27.26 23.96 -23.33
CA ASP C 161 -27.18 25.41 -23.56
C ASP C 161 -26.62 25.75 -24.94
N ASP C 162 -25.50 25.13 -25.29
CA ASP C 162 -24.86 25.36 -26.59
C ASP C 162 -25.53 24.50 -27.67
N LEU C 163 -26.28 25.17 -28.54
CA LEU C 163 -27.01 24.51 -29.62
C LEU C 163 -26.05 23.93 -30.69
N SER C 164 -24.89 24.58 -30.88
CA SER C 164 -23.89 24.15 -31.88
C SER C 164 -23.12 22.86 -31.52
N THR C 165 -23.55 22.16 -30.48
CA THR C 165 -22.99 20.85 -30.13
C THR C 165 -24.07 19.77 -30.17
N HIS C 166 -25.24 20.14 -30.68
CA HIS C 166 -26.39 19.22 -30.79
C HIS C 166 -26.26 18.30 -31.99
N GLN C 167 -25.38 18.67 -32.94
CA GLN C 167 -25.19 17.97 -34.22
C GLN C 167 -26.48 17.82 -35.04
N GLY C 168 -27.34 18.84 -34.93
CA GLY C 168 -28.59 18.88 -35.66
C GLY C 168 -29.72 18.07 -35.08
N LEU C 169 -29.49 17.45 -33.92
CA LEU C 169 -30.53 16.67 -33.26
C LEU C 169 -31.23 17.52 -32.19
N ASP C 170 -32.48 17.16 -31.91
CA ASP C 170 -33.29 17.82 -30.88
C ASP C 170 -33.89 16.73 -30.00
N LEU C 171 -33.58 16.78 -28.71
CA LEU C 171 -33.91 15.68 -27.79
C LEU C 171 -35.41 15.50 -27.54
N ASP C 172 -36.17 16.59 -27.68
CA ASP C 172 -37.65 16.57 -27.53
C ASP C 172 -38.35 16.25 -28.85
N LYS C 173 -37.95 16.98 -29.91
CA LYS C 173 -38.58 16.84 -31.24
C LYS C 173 -38.16 15.59 -32.04
N ASN C 174 -36.97 15.04 -31.77
CA ASN C 174 -36.55 13.78 -32.42
C ASN C 174 -36.85 12.56 -31.56
N THR C 175 -37.34 11.51 -32.19
CA THR C 175 -37.46 10.22 -31.53
C THR C 175 -36.06 9.62 -31.33
N MET C 176 -35.95 8.52 -30.61
CA MET C 176 -34.64 7.93 -30.35
C MET C 176 -34.14 7.22 -31.59
N ASP C 177 -35.07 6.68 -32.38
CA ASP C 177 -34.70 5.99 -33.61
C ASP C 177 -34.11 7.01 -34.58
N GLU C 178 -34.66 8.21 -34.57
CA GLU C 178 -34.10 9.30 -35.36
C GLU C 178 -32.67 9.63 -34.95
N VAL C 179 -32.37 9.54 -33.65
CA VAL C 179 -31.00 9.74 -33.17
C VAL C 179 -30.11 8.59 -33.63
N TYR C 180 -30.57 7.36 -33.42
CA TYR C 180 -29.91 6.17 -33.94
C TYR C 180 -29.65 6.27 -35.45
N TYR C 181 -30.62 6.81 -36.19
CA TYR C 181 -30.52 6.93 -37.65
C TYR C 181 -29.40 7.90 -38.02
N LYS C 182 -29.29 8.99 -37.29
CA LYS C 182 -28.28 10.00 -37.59
C LYS C 182 -26.86 9.46 -37.53
N PHE C 183 -26.65 8.48 -36.65
CA PHE C 183 -25.33 7.92 -36.39
C PHE C 183 -25.15 6.58 -37.11
N GLY C 184 -26.20 6.11 -37.78
CA GLY C 184 -26.10 4.93 -38.64
C GLY C 184 -26.11 3.63 -37.90
N LEU C 185 -26.70 3.61 -36.71
CA LEU C 185 -26.61 2.43 -35.86
C LEU C 185 -27.65 1.40 -36.28
N GLY C 186 -27.26 0.13 -36.25
CA GLY C 186 -28.13 -0.97 -36.66
C GLY C 186 -28.87 -1.60 -35.49
N ASN C 187 -29.73 -2.56 -35.79
CA ASN C 187 -30.65 -3.11 -34.80
C ASN C 187 -30.04 -3.81 -33.57
N SER C 188 -28.80 -4.27 -33.69
CA SER C 188 -28.13 -4.93 -32.57
C SER C 188 -27.47 -3.90 -31.67
N THR C 189 -26.87 -2.91 -32.31
CA THR C 189 -26.27 -1.79 -31.61
C THR C 189 -27.35 -1.16 -30.73
N LYS C 190 -28.45 -0.71 -31.34
CA LYS C 190 -29.51 -0.02 -30.57
C LYS C 190 -30.19 -0.92 -29.54
N GLU C 191 -30.24 -2.23 -29.81
CA GLU C 191 -30.74 -3.18 -28.84
C GLU C 191 -29.96 -3.11 -27.53
N PHE C 192 -28.64 -3.24 -27.60
CA PHE C 192 -27.83 -3.25 -26.38
C PHE C 192 -27.75 -1.85 -25.75
N ILE C 193 -27.73 -0.80 -26.58
CA ILE C 193 -27.75 0.55 -26.03
C ILE C 193 -29.06 0.77 -25.27
N GLY C 194 -30.13 0.18 -25.79
CA GLY C 194 -31.45 0.40 -25.22
C GLY C 194 -31.76 -0.44 -24.00
N HIS C 195 -31.59 -1.75 -24.16
CA HIS C 195 -31.88 -2.68 -23.08
C HIS C 195 -30.79 -2.72 -22.00
N ALA C 196 -29.55 -2.42 -22.38
CA ALA C 196 -28.40 -2.66 -21.50
C ALA C 196 -27.64 -1.41 -21.03
N MET C 197 -27.91 -0.25 -21.63
CA MET C 197 -27.33 1.01 -21.16
C MET C 197 -28.42 1.91 -20.60
N ALA C 198 -29.43 2.20 -21.42
CA ALA C 198 -30.59 3.00 -20.99
C ALA C 198 -31.51 2.19 -20.07
N LEU C 199 -31.42 0.87 -20.19
CA LEU C 199 -32.12 -0.06 -19.30
C LEU C 199 -33.65 -0.10 -19.48
N TRP C 200 -34.14 0.30 -20.66
CA TRP C 200 -35.54 0.06 -21.03
C TRP C 200 -35.82 -1.43 -21.06
N THR C 201 -37.09 -1.78 -20.84
CA THR C 201 -37.53 -3.18 -20.73
C THR C 201 -38.12 -3.72 -22.05
N ASN C 202 -38.35 -2.79 -22.98
CA ASN C 202 -38.76 -3.11 -24.36
C ASN C 202 -38.45 -1.96 -25.33
N ASP C 203 -38.85 -2.14 -26.60
CA ASP C 203 -38.46 -1.23 -27.69
C ASP C 203 -39.37 -0.01 -27.90
N ASP C 204 -40.39 0.18 -27.06
CA ASP C 204 -41.29 1.33 -27.20
C ASP C 204 -40.51 2.65 -27.27
N TYR C 205 -39.35 2.71 -26.61
CA TYR C 205 -38.55 3.95 -26.55
C TYR C 205 -38.14 4.48 -27.92
N LEU C 206 -38.01 3.58 -28.90
CA LEU C 206 -37.59 3.96 -30.24
C LEU C 206 -38.49 5.09 -30.74
N GLN C 207 -39.78 4.97 -30.47
CA GLN C 207 -40.78 5.91 -30.97
C GLN C 207 -41.01 7.12 -30.06
N GLN C 208 -40.69 7.02 -28.76
CA GLN C 208 -40.78 8.17 -27.83
C GLN C 208 -39.64 9.14 -28.07
N PRO C 209 -39.77 10.38 -27.56
CA PRO C 209 -38.67 11.37 -27.65
C PRO C 209 -37.28 10.89 -27.14
N ALA C 210 -36.25 11.65 -27.47
CA ALA C 210 -34.87 11.25 -27.17
C ALA C 210 -34.52 11.53 -25.70
N ARG C 211 -34.78 12.76 -25.27
CA ARG C 211 -34.56 13.24 -23.90
C ARG C 211 -34.45 12.13 -22.84
N PRO C 212 -35.54 11.38 -22.58
CA PRO C 212 -35.43 10.23 -21.66
C PRO C 212 -34.21 9.31 -21.88
N SER C 213 -34.16 8.62 -23.02
CA SER C 213 -33.06 7.70 -23.31
C SER C 213 -31.66 8.34 -23.19
N PHE C 214 -31.52 9.53 -23.73
CA PHE C 214 -30.26 10.28 -23.64
C PHE C 214 -29.80 10.38 -22.20
N GLU C 215 -30.71 10.82 -21.33
CA GLU C 215 -30.42 11.00 -19.91
C GLU C 215 -30.04 9.69 -19.23
N ARG C 216 -30.68 8.59 -19.62
CA ARG C 216 -30.45 7.30 -18.97
C ARG C 216 -29.12 6.67 -19.41
N ILE C 217 -28.64 7.05 -20.60
CA ILE C 217 -27.37 6.53 -21.11
C ILE C 217 -26.22 7.34 -20.53
N LEU C 218 -26.33 8.67 -20.56
CA LEU C 218 -25.36 9.55 -19.89
C LEU C 218 -25.13 9.13 -18.45
N LEU C 219 -26.18 8.62 -17.80
CA LEU C 219 -26.10 8.16 -16.42
C LEU C 219 -25.32 6.85 -16.32
N TYR C 220 -25.62 5.91 -17.21
CA TYR C 220 -24.87 4.67 -17.26
C TYR C 220 -23.38 4.99 -17.42
N CYS C 221 -23.07 5.93 -18.29
CA CYS C 221 -21.67 6.24 -18.59
C CYS C 221 -20.99 6.96 -17.44
N GLN C 222 -21.67 7.96 -16.87
CA GLN C 222 -21.13 8.73 -15.75
C GLN C 222 -20.90 7.89 -14.50
N SER C 223 -21.78 6.91 -14.31
CA SER C 223 -21.66 5.94 -13.22
C SER C 223 -20.41 5.05 -13.34
N VAL C 224 -20.12 4.53 -14.55
CA VAL C 224 -18.92 3.68 -14.70
C VAL C 224 -17.68 4.56 -14.57
N ALA C 225 -17.76 5.79 -15.07
CA ALA C 225 -16.65 6.72 -14.98
C ALA C 225 -16.19 6.97 -13.54
N ARG C 226 -17.13 6.99 -12.57
CA ARG C 226 -16.78 7.26 -11.16
C ARG C 226 -16.15 6.07 -10.44
N TYR C 227 -16.81 4.92 -10.46
CA TYR C 227 -16.41 3.80 -9.62
C TYR C 227 -15.72 2.64 -10.37
N GLY C 228 -15.48 2.83 -11.67
CA GLY C 228 -14.54 1.97 -12.38
C GLY C 228 -15.08 0.78 -13.15
N LYS C 229 -15.44 -0.31 -12.47
CA LYS C 229 -15.60 -1.59 -13.15
C LYS C 229 -16.98 -1.77 -13.79
N SER C 230 -18.00 -1.15 -13.19
CA SER C 230 -19.34 -1.16 -13.74
C SER C 230 -20.10 0.03 -13.14
N PRO C 231 -21.34 0.25 -13.58
CA PRO C 231 -22.10 1.35 -13.00
C PRO C 231 -22.95 0.91 -11.80
N TYR C 232 -22.87 -0.36 -11.42
CA TYR C 232 -23.72 -0.91 -10.37
C TYR C 232 -22.99 -1.15 -9.04
N LEU C 233 -23.65 -0.73 -7.96
CA LEU C 233 -23.22 -1.04 -6.60
C LEU C 233 -24.08 -2.18 -6.04
N TYR C 234 -23.67 -2.70 -4.89
CA TYR C 234 -24.40 -3.74 -4.18
C TYR C 234 -23.86 -3.73 -2.73
N PRO C 235 -24.75 -3.77 -1.74
CA PRO C 235 -24.33 -3.64 -0.34
C PRO C 235 -23.53 -4.82 0.20
N MET C 236 -22.55 -4.53 1.06
CA MET C 236 -21.77 -5.58 1.70
C MET C 236 -22.66 -6.40 2.62
N TYR C 237 -22.55 -7.72 2.50
CA TYR C 237 -23.37 -8.69 3.28
C TYR C 237 -24.80 -8.88 2.74
N GLY C 238 -25.20 -8.08 1.75
CA GLY C 238 -26.50 -8.27 1.10
C GLY C 238 -27.46 -7.13 1.36
N LEU C 239 -28.67 -7.24 0.80
CA LEU C 239 -29.69 -6.21 0.94
C LEU C 239 -30.40 -6.27 2.31
N GLY C 240 -30.31 -7.42 2.97
CA GLY C 240 -30.79 -7.59 4.34
C GLY C 240 -30.22 -6.57 5.32
N GLU C 241 -29.11 -5.94 4.97
CA GLU C 241 -28.52 -4.90 5.81
C GLU C 241 -29.30 -3.59 5.80
N LEU C 242 -30.06 -3.32 4.74
CA LEU C 242 -30.75 -2.04 4.60
C LEU C 242 -31.84 -1.76 5.64
N PRO C 243 -32.69 -2.76 5.96
CA PRO C 243 -33.60 -2.58 7.09
C PRO C 243 -32.89 -2.40 8.45
N GLN C 244 -31.93 -3.28 8.74
CA GLN C 244 -31.13 -3.22 9.97
C GLN C 244 -30.49 -1.85 10.20
N GLY C 245 -30.25 -1.12 9.12
CA GLY C 245 -29.73 0.23 9.23
C GLY C 245 -30.82 1.23 9.46
N PHE C 246 -31.97 0.99 8.83
CA PHE C 246 -33.13 1.83 9.02
C PHE C 246 -33.69 1.64 10.44
N ALA C 247 -33.67 0.40 10.94
CA ALA C 247 -34.03 0.11 12.32
C ALA C 247 -33.30 1.08 13.28
N ARG C 248 -31.98 1.13 13.13
CA ARG C 248 -31.14 2.00 13.94
C ARG C 248 -31.40 3.47 13.67
N LEU C 249 -31.65 3.78 12.40
CA LEU C 249 -31.92 5.14 11.97
C LEU C 249 -33.26 5.63 12.57
N SER C 250 -34.17 4.69 12.85
CA SER C 250 -35.46 5.02 13.46
C SER C 250 -35.27 5.46 14.91
N ALA C 251 -34.52 4.66 15.67
CA ALA C 251 -34.13 4.98 17.05
C ALA C 251 -33.70 6.44 17.21
N ILE C 252 -32.87 6.93 16.29
CA ILE C 252 -32.34 8.30 16.36
C ILE C 252 -33.40 9.39 16.16
N TYR C 253 -34.55 9.02 15.57
CA TYR C 253 -35.64 9.97 15.34
C TYR C 253 -36.90 9.63 16.15
N GLY C 254 -36.73 8.87 17.22
CA GLY C 254 -37.83 8.51 18.12
C GLY C 254 -38.96 7.71 17.50
N GLY C 255 -38.67 6.96 16.43
CA GLY C 255 -39.65 6.02 15.86
C GLY C 255 -39.40 4.64 16.44
N THR C 256 -40.42 3.79 16.45
CA THR C 256 -40.28 2.42 16.98
C THR C 256 -40.43 1.37 15.90
N TYR C 257 -39.40 0.54 15.76
CA TYR C 257 -39.48 -0.64 14.93
C TYR C 257 -40.00 -1.78 15.81
N MET C 258 -40.63 -2.76 15.17
CA MET C 258 -41.33 -3.83 15.89
C MET C 258 -41.30 -5.16 15.15
N LEU C 259 -40.41 -6.04 15.60
CA LEU C 259 -40.34 -7.41 15.10
C LEU C 259 -41.65 -8.14 15.48
N ASP C 260 -41.85 -9.34 14.92
CA ASP C 260 -42.96 -10.24 15.28
C ASP C 260 -44.16 -9.63 16.03
N THR C 261 -44.99 -8.85 15.31
CA THR C 261 -46.17 -8.20 15.90
C THR C 261 -47.36 -8.23 14.93
N PRO C 262 -47.96 -9.43 14.70
CA PRO C 262 -49.06 -9.57 13.73
C PRO C 262 -50.15 -8.51 13.90
N ILE C 263 -50.73 -8.06 12.79
CA ILE C 263 -51.89 -7.16 12.85
C ILE C 263 -53.15 -8.00 13.07
N ASP C 264 -53.81 -7.76 14.21
CA ASP C 264 -55.04 -8.46 14.57
C ASP C 264 -56.22 -7.85 13.81
N GLU C 265 -56.31 -6.53 13.81
CA GLU C 265 -57.41 -5.85 13.13
C GLU C 265 -57.04 -4.43 12.72
N VAL C 266 -57.64 -4.00 11.63
CA VAL C 266 -57.38 -2.69 11.06
C VAL C 266 -58.52 -1.75 11.42
N LEU C 267 -58.20 -0.54 11.90
CA LEU C 267 -59.24 0.41 12.36
C LEU C 267 -59.42 1.57 11.39
N TYR C 268 -60.69 1.84 11.05
CA TYR C 268 -61.07 2.91 10.13
C TYR C 268 -61.99 3.91 10.86
N LYS C 269 -62.24 5.05 10.22
CA LYS C 269 -63.33 5.95 10.66
C LYS C 269 -64.65 5.25 10.34
N LYS C 270 -65.69 5.62 11.08
CA LYS C 270 -66.93 4.81 11.12
C LYS C 270 -67.76 4.97 9.84
N ASP C 271 -68.19 6.22 9.59
CA ASP C 271 -68.96 6.58 8.40
C ASP C 271 -68.00 6.97 7.26
N THR C 272 -67.10 7.92 7.55
CA THR C 272 -66.15 8.50 6.55
C THR C 272 -65.16 7.48 5.91
N GLY C 273 -64.98 6.30 6.52
CA GLY C 273 -64.34 5.14 5.85
C GLY C 273 -62.83 5.17 5.59
N LYS C 274 -62.13 6.20 6.09
CA LYS C 274 -60.68 6.36 5.86
C LYS C 274 -59.84 5.36 6.72
N PHE C 275 -58.79 5.85 7.38
CA PHE C 275 -57.91 5.04 8.24
C PHE C 275 -57.64 5.80 9.54
N GLU C 276 -57.72 5.08 10.66
CA GLU C 276 -57.50 5.66 11.99
C GLU C 276 -56.28 5.02 12.68
N GLY C 277 -56.19 3.69 12.66
CA GLY C 277 -55.10 2.99 13.31
C GLY C 277 -55.16 1.47 13.25
N VAL C 278 -54.44 0.82 14.16
CA VAL C 278 -54.34 -0.64 14.19
C VAL C 278 -54.35 -1.20 15.61
N LYS C 279 -54.75 -2.48 15.71
CA LYS C 279 -54.81 -3.20 16.97
C LYS C 279 -53.93 -4.45 16.91
N THR C 280 -52.93 -4.50 17.79
CA THR C 280 -51.94 -5.59 17.84
C THR C 280 -51.96 -6.25 19.21
N LYS C 281 -51.19 -7.33 19.37
CA LYS C 281 -51.05 -8.01 20.66
C LYS C 281 -50.22 -7.21 21.69
N LEU C 282 -49.87 -5.96 21.36
CA LEU C 282 -49.20 -5.06 22.31
C LEU C 282 -49.95 -3.73 22.49
N GLY C 283 -51.18 -3.65 22.01
CA GLY C 283 -52.03 -2.45 22.20
C GLY C 283 -52.75 -2.00 20.94
N THR C 284 -53.26 -0.77 20.97
CA THR C 284 -53.90 -0.13 19.80
C THR C 284 -53.22 1.21 19.52
N PHE C 285 -52.76 1.38 18.28
CA PHE C 285 -52.01 2.59 17.88
C PHE C 285 -52.75 3.33 16.77
N LYS C 286 -52.61 4.65 16.76
CA LYS C 286 -53.42 5.53 15.88
C LYS C 286 -52.55 6.47 15.03
N ALA C 287 -52.88 6.56 13.74
CA ALA C 287 -52.19 7.47 12.82
C ALA C 287 -53.07 7.82 11.61
N PRO C 288 -53.07 9.10 11.17
CA PRO C 288 -53.79 9.55 9.97
C PRO C 288 -53.71 8.61 8.74
N LEU C 289 -52.49 8.18 8.40
CA LEU C 289 -52.23 7.43 7.15
C LEU C 289 -51.32 6.22 7.38
N VAL C 290 -51.50 5.18 6.57
CA VAL C 290 -50.67 3.97 6.66
C VAL C 290 -49.93 3.70 5.34
N ILE C 291 -48.76 3.07 5.45
CA ILE C 291 -47.96 2.65 4.30
C ILE C 291 -47.66 1.16 4.46
N ALA C 292 -47.95 0.37 3.45
CA ALA C 292 -47.78 -1.09 3.60
C ALA C 292 -47.72 -1.81 2.27
N ASP C 293 -47.42 -3.11 2.34
CA ASP C 293 -47.28 -3.93 1.14
C ASP C 293 -48.54 -4.80 0.92
N PRO C 294 -48.78 -5.21 -0.33
CA PRO C 294 -49.88 -6.10 -0.76
C PRO C 294 -50.35 -7.24 0.16
N THR C 295 -49.46 -7.80 0.99
CA THR C 295 -49.85 -8.92 1.86
C THR C 295 -50.34 -8.47 3.24
N TYR C 296 -50.72 -7.20 3.36
CA TYR C 296 -51.51 -6.73 4.49
C TYR C 296 -52.94 -6.34 4.09
N PHE C 297 -53.14 -5.90 2.85
CA PHE C 297 -54.48 -5.57 2.32
C PHE C 297 -54.80 -6.30 1.01
N PRO C 298 -54.79 -7.66 1.01
CA PRO C 298 -55.03 -8.39 -0.26
C PRO C 298 -56.32 -7.98 -0.99
N GLU C 299 -57.36 -7.62 -0.23
CA GLU C 299 -58.64 -7.14 -0.79
C GLU C 299 -58.54 -5.76 -1.48
N LYS C 300 -57.52 -4.96 -1.13
CA LYS C 300 -57.27 -3.68 -1.78
C LYS C 300 -56.19 -3.73 -2.89
N CYS C 301 -55.81 -4.96 -3.29
CA CYS C 301 -54.75 -5.14 -4.29
C CYS C 301 -55.13 -6.16 -5.35
N LYS C 302 -55.02 -5.72 -6.60
CA LYS C 302 -55.25 -6.57 -7.78
C LYS C 302 -53.94 -7.13 -8.32
N SER C 303 -54.04 -8.24 -9.04
CA SER C 303 -52.93 -8.78 -9.83
C SER C 303 -52.61 -7.80 -10.97
N THR C 304 -51.38 -7.85 -11.48
CA THR C 304 -51.00 -7.08 -12.67
C THR C 304 -51.12 -7.93 -13.94
N GLY C 305 -51.31 -9.25 -13.77
CA GLY C 305 -51.35 -10.19 -14.88
C GLY C 305 -50.10 -11.04 -14.95
N GLN C 306 -48.97 -10.43 -14.59
CA GLN C 306 -47.63 -11.04 -14.72
C GLN C 306 -47.25 -11.94 -13.53
N ARG C 307 -46.55 -13.02 -13.84
CA ARG C 307 -45.95 -13.91 -12.83
C ARG C 307 -44.45 -14.07 -13.14
N VAL C 308 -43.60 -13.79 -12.15
CA VAL C 308 -42.14 -13.85 -12.34
C VAL C 308 -41.56 -15.14 -11.78
N ILE C 309 -40.68 -15.77 -12.55
CA ILE C 309 -39.90 -16.92 -12.08
C ILE C 309 -38.56 -16.42 -11.55
N ARG C 310 -37.98 -17.16 -10.59
CA ARG C 310 -36.69 -16.82 -10.00
C ARG C 310 -35.90 -18.05 -9.60
N ALA C 311 -34.91 -18.41 -10.43
CA ALA C 311 -33.92 -19.39 -10.04
C ALA C 311 -32.84 -18.68 -9.22
N ILE C 312 -32.38 -19.32 -8.15
CA ILE C 312 -31.22 -18.87 -7.39
C ILE C 312 -30.24 -20.02 -7.42
N CYS C 313 -29.31 -19.98 -8.37
CA CYS C 313 -28.37 -21.09 -8.58
C CYS C 313 -27.09 -20.87 -7.79
N ILE C 314 -26.40 -21.97 -7.49
CA ILE C 314 -25.15 -21.93 -6.75
C ILE C 314 -24.05 -22.61 -7.56
N LEU C 315 -22.89 -21.94 -7.63
CA LEU C 315 -21.76 -22.42 -8.42
C LEU C 315 -20.51 -22.56 -7.57
N ASN C 316 -19.68 -23.56 -7.91
CA ASN C 316 -18.33 -23.70 -7.36
C ASN C 316 -17.31 -22.77 -8.03
N HIS C 317 -17.66 -22.22 -9.18
CA HIS C 317 -16.70 -21.51 -10.03
C HIS C 317 -17.28 -20.19 -10.54
N PRO C 318 -16.41 -19.32 -11.11
CA PRO C 318 -16.93 -18.07 -11.63
C PRO C 318 -17.63 -18.31 -12.97
N VAL C 319 -18.60 -17.46 -13.30
CA VAL C 319 -19.37 -17.63 -14.51
C VAL C 319 -18.42 -17.56 -15.73
N PRO C 320 -18.49 -18.56 -16.62
CA PRO C 320 -17.71 -18.55 -17.87
C PRO C 320 -17.77 -17.26 -18.70
N ASN C 321 -16.64 -16.97 -19.36
CA ASN C 321 -16.49 -15.80 -20.22
C ASN C 321 -16.76 -14.48 -19.50
N THR C 322 -16.28 -14.38 -18.27
CA THR C 322 -16.45 -13.17 -17.45
C THR C 322 -15.13 -12.61 -16.90
N SER C 323 -13.99 -13.18 -17.31
CA SER C 323 -12.70 -12.81 -16.73
C SER C 323 -12.66 -13.09 -15.23
N ASN C 324 -13.37 -14.15 -14.82
CA ASN C 324 -13.44 -14.58 -13.43
C ASN C 324 -13.86 -13.45 -12.49
N ALA C 325 -14.97 -12.82 -12.83
CA ALA C 325 -15.48 -11.68 -12.07
C ALA C 325 -16.11 -12.12 -10.77
N ASP C 326 -15.92 -11.32 -9.73
CA ASP C 326 -16.53 -11.61 -8.44
C ASP C 326 -18.03 -11.24 -8.41
N SER C 327 -18.50 -10.47 -9.39
CA SER C 327 -19.90 -10.04 -9.45
C SER C 327 -20.20 -9.27 -10.74
N LEU C 328 -21.34 -9.57 -11.36
CA LEU C 328 -21.74 -8.95 -12.64
C LEU C 328 -23.25 -9.04 -12.90
N GLN C 329 -23.72 -8.25 -13.88
CA GLN C 329 -25.08 -8.37 -14.41
C GLN C 329 -25.01 -8.89 -15.85
N ILE C 330 -25.81 -9.90 -16.17
CA ILE C 330 -26.08 -10.24 -17.56
C ILE C 330 -27.50 -9.82 -17.91
N ILE C 331 -27.65 -8.94 -18.91
CA ILE C 331 -28.97 -8.59 -19.44
C ILE C 331 -29.17 -9.34 -20.74
N ILE C 332 -30.17 -10.23 -20.78
CA ILE C 332 -30.51 -10.97 -21.98
C ILE C 332 -31.73 -10.31 -22.61
N PRO C 333 -31.55 -9.51 -23.68
CA PRO C 333 -32.73 -8.93 -24.33
C PRO C 333 -33.67 -9.97 -24.93
N GLN C 334 -34.95 -9.61 -24.94
CA GLN C 334 -36.05 -10.46 -25.39
C GLN C 334 -35.91 -10.99 -26.83
N SER C 335 -35.62 -10.09 -27.77
CA SER C 335 -35.62 -10.46 -29.18
C SER C 335 -34.55 -11.52 -29.49
N GLN C 336 -33.53 -11.62 -28.65
CA GLN C 336 -32.47 -12.62 -28.85
C GLN C 336 -32.93 -14.03 -28.57
N LEU C 337 -34.08 -14.19 -27.93
CA LEU C 337 -34.66 -15.51 -27.68
C LEU C 337 -36.13 -15.63 -28.13
N GLY C 338 -36.63 -14.66 -28.88
CA GLY C 338 -38.02 -14.68 -29.34
C GLY C 338 -39.00 -14.62 -28.18
N ARG C 339 -38.96 -13.50 -27.45
CA ARG C 339 -39.68 -13.35 -26.18
C ARG C 339 -40.34 -11.99 -26.12
N LYS C 340 -41.21 -11.84 -25.12
CA LYS C 340 -41.93 -10.58 -24.89
C LYS C 340 -41.34 -9.78 -23.71
N SER C 341 -40.43 -10.41 -22.96
CA SER C 341 -39.77 -9.77 -21.83
C SER C 341 -38.32 -10.26 -21.68
N ASP C 342 -37.45 -9.36 -21.23
CA ASP C 342 -36.03 -9.68 -21.02
C ASP C 342 -35.79 -10.66 -19.87
N ILE C 343 -34.70 -11.41 -19.94
CA ILE C 343 -34.23 -12.20 -18.81
C ILE C 343 -33.05 -11.49 -18.16
N TYR C 344 -33.15 -11.26 -16.85
CA TYR C 344 -32.10 -10.61 -16.08
C TYR C 344 -31.28 -11.64 -15.31
N VAL C 345 -30.03 -11.30 -15.01
CA VAL C 345 -29.18 -12.10 -14.14
C VAL C 345 -28.32 -11.20 -13.25
N ALA C 346 -28.30 -11.49 -11.96
CA ALA C 346 -27.37 -10.90 -11.02
C ALA C 346 -26.47 -12.01 -10.53
N ILE C 347 -25.18 -11.72 -10.44
CA ILE C 347 -24.20 -12.66 -9.92
C ILE C 347 -23.49 -11.94 -8.80
N VAL C 348 -23.24 -12.64 -7.72
CA VAL C 348 -22.56 -12.07 -6.56
C VAL C 348 -21.85 -13.19 -5.84
N SER C 349 -20.95 -12.82 -4.93
CA SER C 349 -20.09 -13.80 -4.27
C SER C 349 -19.49 -13.26 -2.97
N ASP C 350 -18.57 -14.03 -2.37
CA ASP C 350 -17.88 -13.64 -1.13
C ASP C 350 -17.20 -12.27 -1.16
N ALA C 351 -16.96 -11.71 -2.35
CA ALA C 351 -16.50 -10.33 -2.46
C ALA C 351 -17.50 -9.35 -1.85
N HIS C 352 -18.76 -9.75 -1.80
CA HIS C 352 -19.80 -8.95 -1.14
C HIS C 352 -20.28 -9.62 0.16
N ASN C 353 -19.63 -10.72 0.54
CA ASN C 353 -19.88 -11.42 1.79
C ASN C 353 -21.27 -12.01 1.88
N VAL C 354 -21.81 -12.44 0.75
CA VAL C 354 -23.14 -13.03 0.74
C VAL C 354 -23.07 -14.53 0.55
N CYS C 355 -21.86 -15.08 0.46
CA CYS C 355 -21.68 -16.52 0.53
C CYS C 355 -20.27 -16.88 0.96
N SER C 356 -19.96 -18.17 0.94
CA SER C 356 -18.66 -18.63 1.39
C SER C 356 -17.59 -18.40 0.32
N LYS C 357 -16.33 -18.53 0.73
CA LYS C 357 -15.17 -18.43 -0.18
C LYS C 357 -15.25 -19.52 -1.28
N GLY C 358 -14.93 -19.13 -2.51
CA GLY C 358 -14.89 -20.05 -3.65
C GLY C 358 -16.24 -20.45 -4.21
N HIS C 359 -17.28 -19.70 -3.85
CA HIS C 359 -18.66 -20.02 -4.25
C HIS C 359 -19.34 -18.78 -4.79
N TYR C 360 -20.32 -18.99 -5.68
CA TYR C 360 -21.03 -17.90 -6.35
C TYR C 360 -22.54 -18.15 -6.38
N LEU C 361 -23.31 -17.07 -6.26
CA LEU C 361 -24.76 -17.09 -6.38
C LEU C 361 -25.17 -16.48 -7.72
N ALA C 362 -25.87 -17.25 -8.55
CA ALA C 362 -26.44 -16.72 -9.82
C ALA C 362 -27.98 -16.65 -9.70
N ILE C 363 -28.54 -15.48 -9.98
CA ILE C 363 -29.99 -15.27 -9.84
C ILE C 363 -30.65 -14.84 -11.16
N ILE C 364 -31.14 -15.82 -11.90
CA ILE C 364 -31.86 -15.56 -13.15
C ILE C 364 -33.30 -15.14 -12.85
N SER C 365 -33.88 -14.24 -13.62
CA SER C 365 -35.24 -13.75 -13.35
C SER C 365 -35.93 -13.06 -14.54
N THR C 366 -37.11 -13.57 -14.92
CA THR C 366 -37.93 -12.96 -15.97
C THR C 366 -39.44 -13.15 -15.75
N ILE C 367 -40.24 -12.29 -16.41
CA ILE C 367 -41.70 -12.42 -16.41
C ILE C 367 -42.10 -13.64 -17.25
N ILE C 368 -42.87 -14.55 -16.67
CA ILE C 368 -43.28 -15.79 -17.36
C ILE C 368 -44.17 -15.46 -18.57
N GLU C 369 -44.08 -16.30 -19.61
CA GLU C 369 -44.94 -16.14 -20.81
C GLU C 369 -45.40 -17.46 -21.41
N THR C 370 -44.59 -18.51 -21.36
CA THR C 370 -45.04 -19.86 -21.69
C THR C 370 -45.51 -20.57 -20.42
N ASP C 371 -45.95 -21.82 -20.57
CA ASP C 371 -46.54 -22.58 -19.47
C ASP C 371 -45.51 -23.36 -18.64
N LYS C 372 -44.41 -23.78 -19.27
CA LYS C 372 -43.29 -24.43 -18.57
C LYS C 372 -42.21 -23.37 -18.26
N PRO C 373 -42.20 -22.81 -17.04
CA PRO C 373 -41.32 -21.67 -16.79
C PRO C 373 -39.82 -22.01 -16.66
N HIS C 374 -39.50 -23.25 -16.32
CA HIS C 374 -38.09 -23.63 -16.18
C HIS C 374 -37.39 -23.85 -17.53
N ILE C 375 -38.17 -24.12 -18.58
CA ILE C 375 -37.63 -24.24 -19.94
C ILE C 375 -37.38 -22.85 -20.56
N GLU C 376 -38.12 -21.84 -20.08
CA GLU C 376 -37.89 -20.46 -20.54
C GLU C 376 -36.50 -19.97 -20.15
N LEU C 377 -35.96 -20.48 -19.05
CA LEU C 377 -34.65 -20.03 -18.53
C LEU C 377 -33.47 -20.96 -18.91
N GLU C 378 -33.72 -21.97 -19.74
CA GLU C 378 -32.65 -22.89 -20.17
C GLU C 378 -31.42 -22.17 -20.74
N PRO C 379 -31.61 -21.25 -21.70
CA PRO C 379 -30.48 -20.47 -22.24
C PRO C 379 -29.65 -19.74 -21.18
N ALA C 380 -30.32 -19.19 -20.17
CA ALA C 380 -29.67 -18.51 -19.05
C ALA C 380 -28.87 -19.48 -18.16
N PHE C 381 -29.46 -20.64 -17.87
CA PHE C 381 -28.73 -21.66 -17.12
C PHE C 381 -27.46 -22.09 -17.85
N LYS C 382 -27.54 -22.21 -19.17
CA LYS C 382 -26.41 -22.67 -19.97
C LYS C 382 -25.18 -21.78 -19.84
N LEU C 383 -25.41 -20.48 -19.65
CA LEU C 383 -24.32 -19.52 -19.50
C LEU C 383 -23.55 -19.67 -18.19
N LEU C 384 -24.10 -20.41 -17.23
CA LEU C 384 -23.49 -20.55 -15.90
C LEU C 384 -22.60 -21.78 -15.75
N GLY C 385 -22.43 -22.57 -16.81
CA GLY C 385 -21.67 -23.81 -16.71
C GLY C 385 -22.30 -24.78 -15.73
N PRO C 386 -21.55 -25.79 -15.27
CA PRO C 386 -22.01 -26.73 -14.24
C PRO C 386 -22.61 -26.05 -13.01
N ILE C 387 -23.88 -26.35 -12.71
CA ILE C 387 -24.56 -25.78 -11.55
C ILE C 387 -24.69 -26.85 -10.47
N GLU C 388 -24.33 -26.49 -9.23
CA GLU C 388 -24.39 -27.45 -8.12
C GLU C 388 -25.83 -27.63 -7.64
N GLU C 389 -26.56 -26.53 -7.44
CA GLU C 389 -27.96 -26.62 -7.04
C GLU C 389 -28.77 -25.40 -7.49
N LYS C 390 -29.99 -25.66 -7.98
CA LYS C 390 -30.95 -24.62 -8.36
C LYS C 390 -31.95 -24.42 -7.23
N PHE C 391 -32.49 -23.21 -7.12
CA PHE C 391 -33.52 -22.90 -6.14
C PHE C 391 -34.64 -22.08 -6.80
N MET C 392 -35.48 -22.76 -7.59
CA MET C 392 -36.55 -22.11 -8.34
C MET C 392 -37.79 -21.90 -7.46
N GLY C 393 -38.50 -20.81 -7.72
CA GLY C 393 -39.74 -20.52 -7.02
C GLY C 393 -40.48 -19.38 -7.70
N ILE C 394 -41.76 -19.60 -8.01
CA ILE C 394 -42.57 -18.66 -8.77
C ILE C 394 -43.29 -17.71 -7.80
N ALA C 395 -43.73 -16.57 -8.31
CA ALA C 395 -44.45 -15.60 -7.50
C ALA C 395 -45.27 -14.69 -8.40
N GLU C 396 -46.36 -14.15 -7.87
CA GLU C 396 -47.25 -13.28 -8.63
C GLU C 396 -47.01 -11.83 -8.22
N LEU C 397 -47.13 -10.92 -9.19
CA LEU C 397 -46.89 -9.51 -8.95
C LEU C 397 -48.22 -8.81 -8.73
N PHE C 398 -48.39 -8.19 -7.57
CA PHE C 398 -49.62 -7.49 -7.24
C PHE C 398 -49.38 -5.98 -7.26
N GLU C 399 -50.45 -5.19 -7.27
CA GLU C 399 -50.34 -3.74 -7.25
C GLU C 399 -51.59 -3.13 -6.59
N PRO C 400 -51.51 -1.86 -6.17
CA PRO C 400 -52.65 -1.32 -5.45
C PRO C 400 -53.83 -1.06 -6.37
N ARG C 401 -55.05 -1.28 -5.87
CA ARG C 401 -56.27 -0.98 -6.63
C ARG C 401 -56.46 0.52 -6.82
N GLU C 402 -55.86 1.33 -5.95
CA GLU C 402 -55.83 2.78 -6.15
C GLU C 402 -54.67 3.44 -5.42
N ASP C 403 -54.51 4.74 -5.64
CA ASP C 403 -53.45 5.51 -4.99
C ASP C 403 -53.73 5.76 -3.51
N GLY C 404 -54.96 5.50 -3.08
CA GLY C 404 -55.30 5.48 -1.66
C GLY C 404 -55.35 6.83 -0.97
N SER C 405 -55.47 7.92 -1.73
CA SER C 405 -55.63 9.27 -1.14
C SER C 405 -57.11 9.58 -0.90
N LYS C 406 -57.99 8.69 -1.34
CA LYS C 406 -59.36 8.64 -0.82
C LYS C 406 -59.33 7.98 0.55
N ASP C 407 -58.80 6.76 0.58
CA ASP C 407 -58.89 5.87 1.74
C ASP C 407 -57.62 5.81 2.62
N ASN C 408 -56.73 6.80 2.48
CA ASN C 408 -55.49 6.90 3.27
C ASN C 408 -54.71 5.59 3.51
N ILE C 409 -54.81 4.63 2.58
CA ILE C 409 -54.03 3.39 2.64
C ILE C 409 -53.14 3.29 1.40
N TYR C 410 -51.89 3.71 1.58
CA TYR C 410 -50.93 3.89 0.49
C TYR C 410 -50.04 2.65 0.34
N LEU C 411 -50.37 1.83 -0.65
CA LEU C 411 -49.72 0.54 -0.83
C LEU C 411 -48.59 0.57 -1.85
N SER C 412 -47.61 -0.32 -1.64
CA SER C 412 -46.48 -0.48 -2.54
C SER C 412 -46.82 -1.52 -3.59
N ARG C 413 -45.98 -1.61 -4.61
CA ARG C 413 -46.14 -2.60 -5.65
C ARG C 413 -45.21 -3.75 -5.31
N SER C 414 -45.50 -4.95 -5.82
CA SER C 414 -44.58 -6.06 -5.65
C SER C 414 -43.26 -5.75 -6.38
N TYR C 415 -42.31 -6.68 -6.35
CA TYR C 415 -40.99 -6.47 -6.93
C TYR C 415 -40.81 -7.23 -8.23
N ASP C 416 -40.48 -6.51 -9.30
CA ASP C 416 -40.45 -7.07 -10.67
C ASP C 416 -39.19 -7.91 -10.98
N ALA C 417 -39.20 -8.56 -12.14
CA ALA C 417 -38.14 -9.51 -12.52
C ALA C 417 -36.78 -8.86 -12.81
N SER C 418 -36.73 -7.54 -12.84
CA SER C 418 -35.46 -6.85 -13.09
C SER C 418 -34.45 -7.19 -12.02
N SER C 419 -33.18 -6.91 -12.31
CA SER C 419 -32.08 -7.10 -11.38
C SER C 419 -31.44 -5.77 -10.98
N HIS C 420 -32.21 -4.68 -11.09
CA HIS C 420 -31.75 -3.36 -10.63
C HIS C 420 -32.93 -2.54 -10.07
N PHE C 421 -32.63 -1.42 -9.43
CA PHE C 421 -33.62 -0.72 -8.59
C PHE C 421 -34.29 0.47 -9.28
N GLU C 422 -34.47 0.38 -10.59
CA GLU C 422 -34.98 1.51 -11.34
C GLU C 422 -36.49 1.65 -11.10
N SER C 423 -37.21 0.52 -11.16
CA SER C 423 -38.65 0.51 -10.92
C SER C 423 -38.98 0.80 -9.46
N MET C 424 -38.38 0.03 -8.57
CA MET C 424 -38.58 0.20 -7.12
C MET C 424 -38.32 1.65 -6.66
N THR C 425 -37.39 2.34 -7.31
CA THR C 425 -37.10 3.73 -6.97
C THR C 425 -38.25 4.65 -7.32
N ASP C 426 -38.95 4.35 -8.41
CA ASP C 426 -40.12 5.15 -8.84
C ASP C 426 -41.35 4.86 -7.99
N ASP C 427 -41.55 3.60 -7.61
CA ASP C 427 -42.59 3.26 -6.63
C ASP C 427 -42.42 4.08 -5.36
N VAL C 428 -41.18 4.27 -4.93
CA VAL C 428 -40.87 5.09 -3.76
C VAL C 428 -41.21 6.56 -3.96
N LYS C 429 -40.76 7.15 -5.07
CA LYS C 429 -41.03 8.57 -5.35
C LYS C 429 -42.53 8.83 -5.62
N ASP C 430 -43.21 7.84 -6.21
CA ASP C 430 -44.66 7.87 -6.42
C ASP C 430 -45.37 7.93 -5.05
N ILE C 431 -45.08 6.93 -4.21
CA ILE C 431 -45.67 6.82 -2.89
C ILE C 431 -45.42 8.05 -2.01
N TYR C 432 -44.22 8.62 -2.08
CA TYR C 432 -43.92 9.81 -1.30
C TYR C 432 -44.73 11.03 -1.76
N PHE C 433 -44.99 11.14 -3.06
CA PHE C 433 -45.81 12.24 -3.60
C PHE C 433 -47.28 12.09 -3.17
N ARG C 434 -47.80 10.88 -3.34
CA ARG C 434 -49.15 10.53 -2.90
C ARG C 434 -49.36 10.84 -1.41
N VAL C 435 -48.41 10.40 -0.59
CA VAL C 435 -48.50 10.54 0.87
C VAL C 435 -48.34 11.98 1.36
N THR C 436 -47.49 12.78 0.72
CA THR C 436 -47.23 14.13 1.20
C THR C 436 -47.66 15.26 0.26
N GLY C 437 -48.08 14.91 -0.95
CA GLY C 437 -48.58 15.91 -1.90
C GLY C 437 -47.54 16.90 -2.42
N HIS C 438 -46.26 16.52 -2.34
CA HIS C 438 -45.18 17.27 -2.99
C HIS C 438 -44.03 16.29 -3.25
N PRO C 439 -43.30 16.46 -4.38
CA PRO C 439 -42.32 15.44 -4.75
C PRO C 439 -41.07 15.47 -3.87
N LEU C 440 -40.48 14.29 -3.67
CA LEU C 440 -39.31 14.10 -2.80
C LEU C 440 -38.10 14.95 -3.22
N VAL C 441 -37.84 16.02 -2.49
CA VAL C 441 -36.69 16.90 -2.74
C VAL C 441 -35.74 16.88 -1.54
N LEU C 442 -34.44 17.04 -1.80
CA LEU C 442 -33.39 16.81 -0.79
C LEU C 442 -32.54 18.07 -0.61
#